data_5U59
# 
_entry.id   5U59 
# 
_audit_conform.dict_name       mmcif_pdbx.dic 
_audit_conform.dict_version    5.397 
_audit_conform.dict_location   http://mmcif.pdb.org/dictionaries/ascii/mmcif_pdbx.dic 
# 
loop_
_database_2.database_id 
_database_2.database_code 
_database_2.pdbx_database_accession 
_database_2.pdbx_DOI 
PDB   5U59         pdb_00005u59 10.2210/pdb5u59/pdb 
WWPDB D_1000225331 ?            ?                   
# 
loop_
_pdbx_audit_revision_history.ordinal 
_pdbx_audit_revision_history.data_content_type 
_pdbx_audit_revision_history.major_revision 
_pdbx_audit_revision_history.minor_revision 
_pdbx_audit_revision_history.revision_date 
1 'Structure model' 1 0 2017-02-22 
2 'Structure model' 1 1 2017-09-20 
3 'Structure model' 1 2 2019-11-27 
4 'Structure model' 1 3 2023-10-04 
5 'Structure model' 1 4 2023-11-15 
6 'Structure model' 1 5 2024-10-16 
# 
_pdbx_audit_revision_details.ordinal             1 
_pdbx_audit_revision_details.revision_ordinal    1 
_pdbx_audit_revision_details.data_content_type   'Structure model' 
_pdbx_audit_revision_details.provider            repository 
_pdbx_audit_revision_details.type                'Initial release' 
_pdbx_audit_revision_details.description         ? 
_pdbx_audit_revision_details.details             ? 
# 
loop_
_pdbx_audit_revision_group.ordinal 
_pdbx_audit_revision_group.revision_ordinal 
_pdbx_audit_revision_group.data_content_type 
_pdbx_audit_revision_group.group 
1 2 'Structure model' 'Author supporting evidence' 
2 3 'Structure model' 'Author supporting evidence' 
3 4 'Structure model' 'Data collection'            
4 4 'Structure model' 'Database references'        
5 4 'Structure model' 'Derived calculations'       
6 4 'Structure model' 'Refinement description'     
7 5 'Structure model' 'Data collection'            
8 5 'Structure model' 'Derived calculations'       
9 6 'Structure model' 'Structure summary'          
# 
loop_
_pdbx_audit_revision_category.ordinal 
_pdbx_audit_revision_category.revision_ordinal 
_pdbx_audit_revision_category.data_content_type 
_pdbx_audit_revision_category.category 
1  2 'Structure model' pdbx_audit_support            
2  3 'Structure model' pdbx_audit_support            
3  4 'Structure model' chem_comp_atom                
4  4 'Structure model' chem_comp_bond                
5  4 'Structure model' database_2                    
6  4 'Structure model' pdbx_initial_refinement_model 
7  4 'Structure model' struct_conn                   
8  5 'Structure model' chem_comp_atom                
9  5 'Structure model' chem_comp_bond                
10 5 'Structure model' struct_conn                   
11 6 'Structure model' pdbx_entry_details            
12 6 'Structure model' pdbx_modification_feature     
# 
loop_
_pdbx_audit_revision_item.ordinal 
_pdbx_audit_revision_item.revision_ordinal 
_pdbx_audit_revision_item.data_content_type 
_pdbx_audit_revision_item.item 
1  2 'Structure model' '_pdbx_audit_support.funding_organization' 
2  3 'Structure model' '_pdbx_audit_support.funding_organization' 
3  4 'Structure model' '_database_2.pdbx_DOI'                     
4  4 'Structure model' '_database_2.pdbx_database_accession'      
5  4 'Structure model' '_struct_conn.conn_type_id'                
6  4 'Structure model' '_struct_conn.id'                          
7  4 'Structure model' '_struct_conn.pdbx_dist_value'             
8  4 'Structure model' '_struct_conn.pdbx_leaving_atom_flag'      
9  4 'Structure model' '_struct_conn.ptnr1_auth_comp_id'          
10 4 'Structure model' '_struct_conn.ptnr1_auth_seq_id'           
11 4 'Structure model' '_struct_conn.ptnr1_label_atom_id'         
12 4 'Structure model' '_struct_conn.ptnr1_label_comp_id'         
13 4 'Structure model' '_struct_conn.ptnr1_label_seq_id'          
14 4 'Structure model' '_struct_conn.ptnr2_auth_comp_id'          
15 4 'Structure model' '_struct_conn.ptnr2_auth_seq_id'           
16 4 'Structure model' '_struct_conn.ptnr2_label_asym_id'         
17 4 'Structure model' '_struct_conn.ptnr2_label_atom_id'         
18 4 'Structure model' '_struct_conn.ptnr2_label_comp_id'         
19 4 'Structure model' '_struct_conn.ptnr2_label_seq_id'          
20 5 'Structure model' '_chem_comp_atom.atom_id'                  
21 5 'Structure model' '_chem_comp_bond.atom_id_2'                
22 5 'Structure model' '_struct_conn.pdbx_leaving_atom_flag'      
# 
_pdbx_database_status.status_code                     REL 
_pdbx_database_status.status_code_sf                  REL 
_pdbx_database_status.status_code_mr                  ? 
_pdbx_database_status.entry_id                        5U59 
_pdbx_database_status.recvd_initial_deposition_date   2016-12-06 
_pdbx_database_status.SG_entry                        N 
_pdbx_database_status.deposit_site                    RCSB 
_pdbx_database_status.process_site                    RCSB 
_pdbx_database_status.status_code_cs                  ? 
_pdbx_database_status.methods_development_category    ? 
_pdbx_database_status.pdb_format_compatible           Y 
_pdbx_database_status.status_code_nmr_data            ? 
# 
loop_
_pdbx_database_related.content_type 
_pdbx_database_related.db_id 
_pdbx_database_related.db_name 
_pdbx_database_related.details 
unspecified 5U5A PDB . 
unspecified 5U5B PDB . 
unspecified 5U5C PDB . 
# 
loop_
_audit_author.name 
_audit_author.pdbx_ordinal 
'Tavenor, N.A.' 1 
'Murnin, M.J.'  2 
'Horne, W.S.'   3 
# 
_citation.abstract                  ? 
_citation.abstract_id_CAS           ? 
_citation.book_id_ISBN              ? 
_citation.book_publisher            ? 
_citation.book_publisher_city       ? 
_citation.book_title                ? 
_citation.coordinate_linkage        ? 
_citation.country                   US 
_citation.database_id_Medline       ? 
_citation.details                   ? 
_citation.id                        primary 
_citation.journal_abbrev            'J. Am. Chem. Soc.' 
_citation.journal_id_ASTM           JACSAT 
_citation.journal_id_CSD            ? 
_citation.journal_id_ISSN           1520-5126 
_citation.journal_full              ? 
_citation.journal_issue             ? 
_citation.journal_volume            139 
_citation.language                  ? 
_citation.page_first                2212 
_citation.page_last                 2215 
_citation.title                     
'Supramolecular Metal-Coordination Polymers, Nets, and Frameworks from Synthetic Coiled-Coil Peptides.' 
_citation.year                      2017 
_citation.database_id_CSD           ? 
_citation.pdbx_database_id_DOI      10.1021/jacs.7b00651 
_citation.pdbx_database_id_PubMed   28161945 
_citation.unpublished_flag          ? 
# 
loop_
_citation_author.citation_id 
_citation_author.name 
_citation_author.ordinal 
_citation_author.identifier_ORCID 
primary 'Tavenor, N.A.' 1 ? 
primary 'Murnin, M.J.'  2 ? 
primary 'Horne, W.S.'   3 ? 
# 
loop_
_entity.id 
_entity.type 
_entity.src_method 
_entity.pdbx_description 
_entity.formula_weight 
_entity.pdbx_number_of_molecules 
_entity.pdbx_ec 
_entity.pdbx_mutation 
_entity.pdbx_fragment 
_entity.details 
1 polymer     syn 'Designed dimeric coiled coil peptide with two terpyridine side chains' 3584.174 1  ? ? ? ? 
2 non-polymer syn 'COPPER (II) ION'                                                       63.546   2  ? ? ? ? 
3 non-polymer syn 'CITRIC ACID'                                                           192.124  2  ? ? ? ? 
4 water       nat water                                                                   18.015   27 ? ? ? ? 
# 
_entity_poly.entity_id                      1 
_entity_poly.type                           'polypeptide(L)' 
_entity_poly.nstd_linkage                   no 
_entity_poly.nstd_monomer                   yes 
_entity_poly.pdbx_seq_one_letter_code       '(ACE)EIAALK(7WJ)ENAALKEEIAALKKEIAAL(7WJ)KG(NH2)' 
_entity_poly.pdbx_seq_one_letter_code_can   XEIAALKXENAALKEEIAALKKEIAALXKGX 
_entity_poly.pdbx_strand_id                 A 
_entity_poly.pdbx_target_identifier         ? 
# 
loop_
_pdbx_entity_nonpoly.entity_id 
_pdbx_entity_nonpoly.name 
_pdbx_entity_nonpoly.comp_id 
2 'COPPER (II) ION' CU  
3 'CITRIC ACID'     CIT 
4 water             HOH 
# 
loop_
_entity_poly_seq.entity_id 
_entity_poly_seq.num 
_entity_poly_seq.mon_id 
_entity_poly_seq.hetero 
1 1  ACE n 
1 2  GLU n 
1 3  ILE n 
1 4  ALA n 
1 5  ALA n 
1 6  LEU n 
1 7  LYS n 
1 8  7WJ n 
1 9  GLU n 
1 10 ASN n 
1 11 ALA n 
1 12 ALA n 
1 13 LEU n 
1 14 LYS n 
1 15 GLU n 
1 16 GLU n 
1 17 ILE n 
1 18 ALA n 
1 19 ALA n 
1 20 LEU n 
1 21 LYS n 
1 22 LYS n 
1 23 GLU n 
1 24 ILE n 
1 25 ALA n 
1 26 ALA n 
1 27 LEU n 
1 28 7WJ n 
1 29 LYS n 
1 30 GLY n 
1 31 NH2 n 
# 
_pdbx_entity_src_syn.entity_id              1 
_pdbx_entity_src_syn.pdbx_src_id            1 
_pdbx_entity_src_syn.pdbx_alt_source_flag   sample 
_pdbx_entity_src_syn.pdbx_beg_seq_num       1 
_pdbx_entity_src_syn.pdbx_end_seq_num       31 
_pdbx_entity_src_syn.organism_scientific    'synthetic construct' 
_pdbx_entity_src_syn.organism_common_name   ? 
_pdbx_entity_src_syn.ncbi_taxonomy_id       32630 
_pdbx_entity_src_syn.details                ? 
# 
loop_
_chem_comp.id 
_chem_comp.type 
_chem_comp.mon_nstd_flag 
_chem_comp.name 
_chem_comp.pdbx_synonyms 
_chem_comp.formula 
_chem_comp.formula_weight 
7WJ non-polymer         . '(2S)-2-amino-4-[([1~2~,2~2~:2~6~,3~2~-terpyridine]-2~4~-carbonyl)amino]butanoic acid' ? 'C20 H19 N5 O3' 
377.397 
ACE non-polymer         . 'ACETYL GROUP'                                                                         ? 'C2 H4 O' 
44.053  
ALA 'L-peptide linking' y ALANINE                                                                                ? 'C3 H7 N O2' 
89.093  
ASN 'L-peptide linking' y ASPARAGINE                                                                             ? 'C4 H8 N2 O3' 
132.118 
CIT non-polymer         . 'CITRIC ACID'                                                                          ? 'C6 H8 O7' 
192.124 
CU  non-polymer         . 'COPPER (II) ION'                                                                      ? 'Cu 2' 63.546  
GLU 'L-peptide linking' y 'GLUTAMIC ACID'                                                                        ? 'C5 H9 N O4' 
147.129 
GLY 'peptide linking'   y GLYCINE                                                                                ? 'C2 H5 N O2' 
75.067  
HOH non-polymer         . WATER                                                                                  ? 'H2 O' 18.015  
ILE 'L-peptide linking' y ISOLEUCINE                                                                             ? 'C6 H13 N O2' 
131.173 
LEU 'L-peptide linking' y LEUCINE                                                                                ? 'C6 H13 N O2' 
131.173 
LYS 'L-peptide linking' y LYSINE                                                                                 ? 
'C6 H15 N2 O2 1' 147.195 
NH2 non-polymer         . 'AMINO GROUP'                                                                          ? 'H2 N' 16.023  
# 
loop_
_pdbx_poly_seq_scheme.asym_id 
_pdbx_poly_seq_scheme.entity_id 
_pdbx_poly_seq_scheme.seq_id 
_pdbx_poly_seq_scheme.mon_id 
_pdbx_poly_seq_scheme.ndb_seq_num 
_pdbx_poly_seq_scheme.pdb_seq_num 
_pdbx_poly_seq_scheme.auth_seq_num 
_pdbx_poly_seq_scheme.pdb_mon_id 
_pdbx_poly_seq_scheme.auth_mon_id 
_pdbx_poly_seq_scheme.pdb_strand_id 
_pdbx_poly_seq_scheme.pdb_ins_code 
_pdbx_poly_seq_scheme.hetero 
A 1 1  ACE 1  0  0  ACE ACE A . n 
A 1 2  GLU 2  1  1  GLU GLU A . n 
A 1 3  ILE 3  2  2  ILE ILE A . n 
A 1 4  ALA 4  3  3  ALA ALA A . n 
A 1 5  ALA 5  4  4  ALA ALA A . n 
A 1 6  LEU 6  5  5  LEU LEU A . n 
A 1 7  LYS 7  6  6  LYS LYS A . n 
A 1 8  7WJ 8  7  7  7WJ TPY A . n 
A 1 9  GLU 9  8  8  GLU GLU A . n 
A 1 10 ASN 10 9  9  ASN ASN A . n 
A 1 11 ALA 11 10 10 ALA ALA A . n 
A 1 12 ALA 12 11 11 ALA ALA A . n 
A 1 13 LEU 13 12 12 LEU LEU A . n 
A 1 14 LYS 14 13 13 LYS LYS A . n 
A 1 15 GLU 15 14 14 GLU GLU A . n 
A 1 16 GLU 16 15 15 GLU GLU A . n 
A 1 17 ILE 17 16 16 ILE ILE A . n 
A 1 18 ALA 18 17 17 ALA ALA A . n 
A 1 19 ALA 19 18 18 ALA ALA A . n 
A 1 20 LEU 20 19 19 LEU LEU A . n 
A 1 21 LYS 21 20 20 LYS LYS A . n 
A 1 22 LYS 22 21 21 LYS LYS A . n 
A 1 23 GLU 23 22 22 GLU GLU A . n 
A 1 24 ILE 24 23 23 ILE ILE A . n 
A 1 25 ALA 25 24 24 ALA ALA A . n 
A 1 26 ALA 26 25 25 ALA ALA A . n 
A 1 27 LEU 27 26 26 LEU LEU A . n 
A 1 28 7WJ 28 27 27 7WJ TPY A . n 
A 1 29 LYS 29 28 28 LYS LYS A . n 
A 1 30 GLY 30 29 29 GLY GLY A . n 
A 1 31 NH2 31 30 ?  ?   ?   A . n 
# 
loop_
_pdbx_nonpoly_scheme.asym_id 
_pdbx_nonpoly_scheme.entity_id 
_pdbx_nonpoly_scheme.mon_id 
_pdbx_nonpoly_scheme.ndb_seq_num 
_pdbx_nonpoly_scheme.pdb_seq_num 
_pdbx_nonpoly_scheme.auth_seq_num 
_pdbx_nonpoly_scheme.pdb_mon_id 
_pdbx_nonpoly_scheme.auth_mon_id 
_pdbx_nonpoly_scheme.pdb_strand_id 
_pdbx_nonpoly_scheme.pdb_ins_code 
B 2 CU  1  101 207 CU  CU  A . 
C 2 CU  1  102 227 CU  CU  A . 
D 3 CIT 1  103 1   CIT CIT A . 
E 3 CIT 1  104 2   CIT CIT A . 
F 4 HOH 1  201 16  HOH HOH A . 
F 4 HOH 2  202 29  HOH HOH A . 
F 4 HOH 3  203 21  HOH HOH A . 
F 4 HOH 4  204 11  HOH HOH A . 
F 4 HOH 5  205 22  HOH HOH A . 
F 4 HOH 6  206 6   HOH HOH A . 
F 4 HOH 7  207 13  HOH HOH A . 
F 4 HOH 8  208 10  HOH HOH A . 
F 4 HOH 9  209 1   HOH HOH A . 
F 4 HOH 10 210 12  HOH HOH A . 
F 4 HOH 11 211 3   HOH HOH A . 
F 4 HOH 12 212 5   HOH HOH A . 
F 4 HOH 13 213 20  HOH HOH A . 
F 4 HOH 14 214 2   HOH HOH A . 
F 4 HOH 15 215 24  HOH HOH A . 
F 4 HOH 16 216 4   HOH HOH A . 
F 4 HOH 17 217 18  HOH HOH A . 
F 4 HOH 18 218 23  HOH HOH A . 
F 4 HOH 19 219 19  HOH HOH A . 
F 4 HOH 20 220 26  HOH HOH A . 
F 4 HOH 21 221 25  HOH HOH A . 
F 4 HOH 22 222 7   HOH HOH A . 
F 4 HOH 23 223 14  HOH HOH A . 
F 4 HOH 24 224 28  HOH HOH A . 
F 4 HOH 25 225 27  HOH HOH A . 
F 4 HOH 26 226 8   HOH HOH A . 
F 4 HOH 27 227 9   HOH HOH A . 
# 
loop_
_pdbx_unobs_or_zero_occ_atoms.id 
_pdbx_unobs_or_zero_occ_atoms.PDB_model_num 
_pdbx_unobs_or_zero_occ_atoms.polymer_flag 
_pdbx_unobs_or_zero_occ_atoms.occupancy_flag 
_pdbx_unobs_or_zero_occ_atoms.auth_asym_id 
_pdbx_unobs_or_zero_occ_atoms.auth_comp_id 
_pdbx_unobs_or_zero_occ_atoms.auth_seq_id 
_pdbx_unobs_or_zero_occ_atoms.PDB_ins_code 
_pdbx_unobs_or_zero_occ_atoms.auth_atom_id 
_pdbx_unobs_or_zero_occ_atoms.label_alt_id 
_pdbx_unobs_or_zero_occ_atoms.label_asym_id 
_pdbx_unobs_or_zero_occ_atoms.label_comp_id 
_pdbx_unobs_or_zero_occ_atoms.label_seq_id 
_pdbx_unobs_or_zero_occ_atoms.label_atom_id 
1 1 Y 1 A GLY 29 ? CA ? A GLY 30 CA 
2 1 Y 1 A GLY 29 ? C  ? A GLY 30 C  
3 1 Y 1 A GLY 29 ? O  ? A GLY 30 O  
# 
loop_
_software.citation_id 
_software.classification 
_software.compiler_name 
_software.compiler_version 
_software.contact_author 
_software.contact_author_email 
_software.date 
_software.description 
_software.dependencies 
_software.hardware 
_software.language 
_software.location 
_software.mods 
_software.name 
_software.os 
_software.os_version 
_software.type 
_software.version 
_software.pdbx_ordinal 
? refinement       ? ? ? ? ? ? ? ? ? ? ? PHENIX ? ? ? '(1.11.1_2575: ???)' 1 
? 'data reduction' ? ? ? ? ? ? ? ? ? ? ? d*TREK ? ? ? .                    2 
? 'data scaling'   ? ? ? ? ? ? ? ? ? ? ? d*TREK ? ? ? .                    3 
? phasing          ? ? ? ? ? ? ? ? ? ? ? PHASER ? ? ? .                    4 
# 
_cell.entry_id           5U59 
_cell.length_a           36.326 
_cell.length_b           52.170 
_cell.length_c           25.581 
_cell.angle_alpha        90.00 
_cell.angle_beta         103.98 
_cell.angle_gamma        90.00 
_cell.Z_PDB              4 
_cell.pdbx_unique_axis   ? 
# 
_symmetry.entry_id                         5U59 
_symmetry.space_group_name_H-M             'C 1 2 1' 
_symmetry.pdbx_full_space_group_name_H-M   ? 
_symmetry.cell_setting                     ? 
_symmetry.Int_Tables_number                5 
# 
_exptl.absorpt_coefficient_mu     ? 
_exptl.absorpt_correction_T_max   ? 
_exptl.absorpt_correction_T_min   ? 
_exptl.absorpt_correction_type    ? 
_exptl.absorpt_process_details    ? 
_exptl.entry_id                   5U59 
_exptl.crystals_number            1 
_exptl.details                    ? 
_exptl.method                     'X-RAY DIFFRACTION' 
_exptl.method_details             ? 
# 
_exptl_crystal.colour                      ? 
_exptl_crystal.density_diffrn              ? 
_exptl_crystal.density_Matthews            3.34 
_exptl_crystal.density_method              ? 
_exptl_crystal.density_percent_sol         63.21 
_exptl_crystal.description                 ? 
_exptl_crystal.F_000                       ? 
_exptl_crystal.id                          1 
_exptl_crystal.preparation                 ? 
_exptl_crystal.size_max                    ? 
_exptl_crystal.size_mid                    ? 
_exptl_crystal.size_min                    ? 
_exptl_crystal.size_rad                    ? 
_exptl_crystal.colour_lustre               ? 
_exptl_crystal.colour_modifier             ? 
_exptl_crystal.colour_primary              ? 
_exptl_crystal.density_meas                ? 
_exptl_crystal.density_meas_esd            ? 
_exptl_crystal.density_meas_gt             ? 
_exptl_crystal.density_meas_lt             ? 
_exptl_crystal.density_meas_temp           ? 
_exptl_crystal.density_meas_temp_esd       ? 
_exptl_crystal.density_meas_temp_gt        ? 
_exptl_crystal.density_meas_temp_lt        ? 
_exptl_crystal.pdbx_crystal_image_url      ? 
_exptl_crystal.pdbx_crystal_image_format   ? 
_exptl_crystal.pdbx_mosaicity              ? 
_exptl_crystal.pdbx_mosaicity_esd          ? 
# 
_exptl_crystal_grow.apparatus       ? 
_exptl_crystal_grow.atmosphere      ? 
_exptl_crystal_grow.crystal_id      1 
_exptl_crystal_grow.details         ? 
_exptl_crystal_grow.method          'VAPOR DIFFUSION, HANGING DROP' 
_exptl_crystal_grow.method_ref      ? 
_exptl_crystal_grow.pH              6.0 
_exptl_crystal_grow.pressure        ? 
_exptl_crystal_grow.pressure_esd    ? 
_exptl_crystal_grow.seeding         ? 
_exptl_crystal_grow.seeding_ref     ? 
_exptl_crystal_grow.temp            298 
_exptl_crystal_grow.temp_details    ? 
_exptl_crystal_grow.temp_esd        ? 
_exptl_crystal_grow.time            ? 
_exptl_crystal_grow.pdbx_details    '0.1 M sodium citrate pH 6.0, 15% w/v PEG 4000, 3 mM copper(II) chloride' 
_exptl_crystal_grow.pdbx_pH_range   ? 
# 
_diffrn.ambient_environment    ? 
_diffrn.ambient_temp           100 
_diffrn.ambient_temp_details   ? 
_diffrn.ambient_temp_esd       ? 
_diffrn.crystal_id             1 
_diffrn.crystal_support        ? 
_diffrn.crystal_treatment      ? 
_diffrn.details                ? 
_diffrn.id                     1 
_diffrn.ambient_pressure       ? 
_diffrn.ambient_pressure_esd   ? 
_diffrn.ambient_pressure_gt    ? 
_diffrn.ambient_pressure_lt    ? 
_diffrn.ambient_temp_gt        ? 
_diffrn.ambient_temp_lt        ? 
# 
_diffrn_detector.details                      ? 
_diffrn_detector.detector                     CCD 
_diffrn_detector.diffrn_id                    1 
_diffrn_detector.type                         'RIGAKU SATURN 944' 
_diffrn_detector.area_resol_mean              ? 
_diffrn_detector.dtime                        ? 
_diffrn_detector.pdbx_frames_total            ? 
_diffrn_detector.pdbx_collection_time_total   ? 
_diffrn_detector.pdbx_collection_date         2015-11-20 
# 
_diffrn_radiation.collimation                      ? 
_diffrn_radiation.diffrn_id                        1 
_diffrn_radiation.filter_edge                      ? 
_diffrn_radiation.inhomogeneity                    ? 
_diffrn_radiation.monochromator                    ? 
_diffrn_radiation.polarisn_norm                    ? 
_diffrn_radiation.polarisn_ratio                   ? 
_diffrn_radiation.probe                            ? 
_diffrn_radiation.type                             ? 
_diffrn_radiation.xray_symbol                      ? 
_diffrn_radiation.wavelength_id                    1 
_diffrn_radiation.pdbx_monochromatic_or_laue_m_l   M 
_diffrn_radiation.pdbx_wavelength_list             ? 
_diffrn_radiation.pdbx_wavelength                  ? 
_diffrn_radiation.pdbx_diffrn_protocol             'SINGLE WAVELENGTH' 
_diffrn_radiation.pdbx_analyzer                    ? 
_diffrn_radiation.pdbx_scattering_type             x-ray 
# 
_diffrn_radiation_wavelength.id           1 
_diffrn_radiation_wavelength.wavelength   1.5418 
_diffrn_radiation_wavelength.wt           1.0 
# 
_diffrn_source.current                     ? 
_diffrn_source.details                     ? 
_diffrn_source.diffrn_id                   1 
_diffrn_source.power                       ? 
_diffrn_source.size                        ? 
_diffrn_source.source                      'ROTATING ANODE' 
_diffrn_source.target                      ? 
_diffrn_source.type                        'RIGAKU FR-E SUPERBRIGHT' 
_diffrn_source.voltage                     ? 
_diffrn_source.take-off_angle              ? 
_diffrn_source.pdbx_wavelength_list        1.5418 
_diffrn_source.pdbx_wavelength             ? 
_diffrn_source.pdbx_synchrotron_beamline   ? 
_diffrn_source.pdbx_synchrotron_site       ? 
# 
_reflns.pdbx_diffrn_id               1 
_reflns.pdbx_ordinal                 1 
_reflns.entry_id                     5U59 
_reflns.observed_criterion_sigma_I   ? 
_reflns.observed_criterion_sigma_F   ? 
_reflns.d_resolution_low             29.210 
_reflns.d_resolution_high            2.200 
_reflns.number_obs                   2391 
_reflns.number_all                   ? 
_reflns.percent_possible_obs         99.6 
_reflns.pdbx_Rmerge_I_obs            0.05300 
_reflns.pdbx_Rsym_value              ? 
_reflns.pdbx_netI_over_sigmaI        29.0000 
_reflns.B_iso_Wilson_estimate        ? 
_reflns.pdbx_redundancy              8.700 
# 
_reflns_shell.pdbx_diffrn_id         1 
_reflns_shell.pdbx_ordinal           1 
_reflns_shell.d_res_high             2.20 
_reflns_shell.d_res_low              2.28 
_reflns_shell.percent_possible_all   97.6 
_reflns_shell.Rmerge_I_obs           0.21200 
_reflns_shell.pdbx_Rsym_value        ? 
_reflns_shell.meanI_over_sigI_obs    3.800 
_reflns_shell.pdbx_redundancy        4.42 
# 
_refine.pdbx_refine_id                           'X-RAY DIFFRACTION' 
_refine.entry_id                                 5U59 
_refine.pdbx_diffrn_id                           1 
_refine.pdbx_TLS_residual_ADP_flag               ? 
_refine.ls_number_reflns_obs                     2374 
_refine.ls_number_reflns_all                     ? 
_refine.pdbx_ls_sigma_I                          ? 
_refine.pdbx_ls_sigma_F                          1.540 
_refine.pdbx_data_cutoff_high_absF               ? 
_refine.pdbx_data_cutoff_low_absF                ? 
_refine.pdbx_data_cutoff_high_rms_absF           ? 
_refine.ls_d_res_low                             26.09 
_refine.ls_d_res_high                            2.20 
_refine.ls_percent_reflns_obs                    98.9 
_refine.ls_R_factor_obs                          0.229 
_refine.ls_R_factor_all                          ? 
_refine.ls_R_factor_R_work                       0.226 
_refine.ls_R_factor_R_free                       0.257 
_refine.ls_R_factor_R_free_error                 ? 
_refine.ls_R_factor_R_free_error_details         ? 
_refine.ls_percent_reflns_R_free                 10.030 
_refine.ls_number_reflns_R_free                  238 
_refine.ls_number_parameters                     ? 
_refine.ls_number_restraints                     ? 
_refine.occupancy_min                            ? 
_refine.occupancy_max                            ? 
_refine.correlation_coeff_Fo_to_Fc               ? 
_refine.correlation_coeff_Fo_to_Fc_free          ? 
_refine.B_iso_mean                               ? 
_refine.aniso_B[1][1]                            ? 
_refine.aniso_B[2][2]                            ? 
_refine.aniso_B[3][3]                            ? 
_refine.aniso_B[1][2]                            ? 
_refine.aniso_B[1][3]                            ? 
_refine.aniso_B[2][3]                            ? 
_refine.solvent_model_details                    ? 
_refine.solvent_model_param_ksol                 ? 
_refine.solvent_model_param_bsol                 ? 
_refine.pdbx_solvent_vdw_probe_radii             1.11 
_refine.pdbx_solvent_ion_probe_radii             ? 
_refine.pdbx_solvent_shrinkage_radii             0.90 
_refine.pdbx_ls_cross_valid_method               'FREE R-VALUE' 
_refine.details                                  ? 
_refine.pdbx_starting_model                      4DZM 
_refine.pdbx_method_to_determine_struct          'MOLECULAR REPLACEMENT' 
_refine.pdbx_isotropic_thermal_model             ? 
_refine.pdbx_stereochemistry_target_values       ? 
_refine.pdbx_stereochem_target_val_spec_case     ? 
_refine.pdbx_R_Free_selection_details            ? 
_refine.pdbx_overall_ESU_R                       ? 
_refine.pdbx_overall_ESU_R_Free                  ? 
_refine.overall_SU_ML                            0.390 
_refine.pdbx_overall_phase_error                 25.850 
_refine.overall_SU_B                             ? 
_refine.overall_SU_R_Cruickshank_DPI             ? 
_refine.pdbx_overall_SU_R_free_Cruickshank_DPI   ? 
_refine.pdbx_overall_SU_R_Blow_DPI               ? 
_refine.pdbx_overall_SU_R_free_Blow_DPI          ? 
# 
_refine_hist.pdbx_refine_id                   'X-RAY DIFFRACTION' 
_refine_hist.cycle_id                         LAST 
_refine_hist.pdbx_number_atoms_protein        252 
_refine_hist.pdbx_number_atoms_nucleic_acid   0 
_refine_hist.pdbx_number_atoms_ligand         28 
_refine_hist.number_atoms_solvent             27 
_refine_hist.number_atoms_total               307 
_refine_hist.d_res_high                       2.20 
_refine_hist.d_res_low                        26.09 
# 
loop_
_refine_ls_restr.type 
_refine_ls_restr.dev_ideal 
_refine_ls_restr.dev_ideal_target 
_refine_ls_restr.weight 
_refine_ls_restr.number 
_refine_ls_restr.pdbx_refine_id 
_refine_ls_restr.pdbx_restraint_function 
f_bond_d           0.003  ? ? 293 'X-RAY DIFFRACTION' ? 
f_angle_d          1.068  ? ? 400 'X-RAY DIFFRACTION' ? 
f_dihedral_angle_d 30.930 ? ? 105 'X-RAY DIFFRACTION' ? 
f_chiral_restr     0.028  ? ? 36  'X-RAY DIFFRACTION' ? 
f_plane_restr      0.002  ? ? 47  'X-RAY DIFFRACTION' ? 
# 
loop_
_refine_ls_shell.pdbx_refine_id 
_refine_ls_shell.pdbx_total_number_of_bins_used 
_refine_ls_shell.d_res_high 
_refine_ls_shell.d_res_low 
_refine_ls_shell.number_reflns_R_work 
_refine_ls_shell.R_factor_R_work 
_refine_ls_shell.percent_reflns_obs 
_refine_ls_shell.R_factor_R_free 
_refine_ls_shell.R_factor_R_free_error 
_refine_ls_shell.percent_reflns_R_free 
_refine_ls_shell.number_reflns_R_free 
_refine_ls_shell.number_reflns_all 
_refine_ls_shell.R_factor_all 
'X-RAY DIFFRACTION' . 2.2002 2.7715  1056 0.2905 99.00 0.3370 . . 119 . . 
'X-RAY DIFFRACTION' . 2.7715 26.0868 1080 0.2055 99.00 0.2340 . . 119 . . 
# 
_struct.entry_id                     5U59 
_struct.title                        'Coiled Coil Peptide Metal Coordination Framework: Dimer Fold Grown with Citrate' 
_struct.pdbx_model_details           ? 
_struct.pdbx_formula_weight          ? 
_struct.pdbx_formula_weight_method   ? 
_struct.pdbx_model_type_details      ? 
_struct.pdbx_CASP_flag               N 
# 
_struct_keywords.entry_id        5U59 
_struct_keywords.text            
'designed peptide, synthetic, metal coordination framework, supramolecular assembly, DE NOVO PROTEIN' 
_struct_keywords.pdbx_keywords   'DE NOVO PROTEIN' 
# 
loop_
_struct_asym.id 
_struct_asym.pdbx_blank_PDB_chainid_flag 
_struct_asym.pdbx_modified 
_struct_asym.entity_id 
_struct_asym.details 
A N N 1 ? 
B N N 2 ? 
C N N 2 ? 
D N N 3 ? 
E N N 3 ? 
F N N 4 ? 
# 
_struct_ref.id                         1 
_struct_ref.db_name                    PDB 
_struct_ref.db_code                    5U59 
_struct_ref.pdbx_db_accession          5U59 
_struct_ref.pdbx_db_isoform            ? 
_struct_ref.entity_id                  1 
_struct_ref.pdbx_seq_one_letter_code   ? 
_struct_ref.pdbx_align_begin           1 
# 
_struct_ref_seq.align_id                      1 
_struct_ref_seq.ref_id                        1 
_struct_ref_seq.pdbx_PDB_id_code              5U59 
_struct_ref_seq.pdbx_strand_id                A 
_struct_ref_seq.seq_align_beg                 1 
_struct_ref_seq.pdbx_seq_align_beg_ins_code   ? 
_struct_ref_seq.seq_align_end                 31 
_struct_ref_seq.pdbx_seq_align_end_ins_code   ? 
_struct_ref_seq.pdbx_db_accession             5U59 
_struct_ref_seq.db_align_beg                  0 
_struct_ref_seq.pdbx_db_align_beg_ins_code    ? 
_struct_ref_seq.db_align_end                  30 
_struct_ref_seq.pdbx_db_align_end_ins_code    ? 
_struct_ref_seq.pdbx_auth_seq_align_beg       0 
_struct_ref_seq.pdbx_auth_seq_align_end       30 
# 
_pdbx_struct_assembly.id                   1 
_pdbx_struct_assembly.details              author_and_software_defined_assembly 
_pdbx_struct_assembly.method_details       PISA 
_pdbx_struct_assembly.oligomeric_details   dimeric 
_pdbx_struct_assembly.oligomeric_count     2 
# 
loop_
_pdbx_struct_assembly_prop.biol_id 
_pdbx_struct_assembly_prop.type 
_pdbx_struct_assembly_prop.value 
_pdbx_struct_assembly_prop.details 
1 'ABSA (A^2)' 3110 ? 
1 MORE         -50  ? 
1 'SSA (A^2)'  6050 ? 
# 
_pdbx_struct_assembly_gen.assembly_id       1 
_pdbx_struct_assembly_gen.oper_expression   1,2 
_pdbx_struct_assembly_gen.asym_id_list      A,B,C,D,E,F 
# 
loop_
_pdbx_struct_oper_list.id 
_pdbx_struct_oper_list.type 
_pdbx_struct_oper_list.name 
_pdbx_struct_oper_list.symmetry_operation 
_pdbx_struct_oper_list.matrix[1][1] 
_pdbx_struct_oper_list.matrix[1][2] 
_pdbx_struct_oper_list.matrix[1][3] 
_pdbx_struct_oper_list.vector[1] 
_pdbx_struct_oper_list.matrix[2][1] 
_pdbx_struct_oper_list.matrix[2][2] 
_pdbx_struct_oper_list.matrix[2][3] 
_pdbx_struct_oper_list.vector[2] 
_pdbx_struct_oper_list.matrix[3][1] 
_pdbx_struct_oper_list.matrix[3][2] 
_pdbx_struct_oper_list.matrix[3][3] 
_pdbx_struct_oper_list.vector[3] 
1 'identity operation'         1_555 x,y,z     1.0000000000  0.0000000000  0.0000000000 0.0000000000 0.0000000000  1.0000000000  0.0000000000  0.0000000000  0.0000000000 0.0000000000  1.0000000000 0.0000000000  
2 'crystal symmetry operation' 2_557 -x,y,-z+2 -0.9970796142 -0.0450377358 0.0616753215 4.3059465996 -0.0450377358 -0.3054350387 -0.9511472228 -6.3328988491 0.0616753215 -0.9511472228 0.3025146529 -4.8284215303 
# 
_struct_conf.conf_type_id            HELX_P 
_struct_conf.id                      HELX_P1 
_struct_conf.pdbx_PDB_helix_id       AA1 
_struct_conf.beg_label_comp_id       GLU 
_struct_conf.beg_label_asym_id       A 
_struct_conf.beg_label_seq_id        2 
_struct_conf.pdbx_beg_PDB_ins_code   ? 
_struct_conf.end_label_comp_id       LYS 
_struct_conf.end_label_asym_id       A 
_struct_conf.end_label_seq_id        29 
_struct_conf.pdbx_end_PDB_ins_code   ? 
_struct_conf.beg_auth_comp_id        GLU 
_struct_conf.beg_auth_asym_id        A 
_struct_conf.beg_auth_seq_id         1 
_struct_conf.end_auth_comp_id        LYS 
_struct_conf.end_auth_asym_id        A 
_struct_conf.end_auth_seq_id         28 
_struct_conf.pdbx_PDB_helix_class    1 
_struct_conf.details                 ? 
_struct_conf.pdbx_PDB_helix_length   28 
# 
_struct_conf_type.id          HELX_P 
_struct_conf_type.criteria    ? 
_struct_conf_type.reference   ? 
# 
loop_
_struct_conn.id 
_struct_conn.conn_type_id 
_struct_conn.pdbx_leaving_atom_flag 
_struct_conn.pdbx_PDB_id 
_struct_conn.ptnr1_label_asym_id 
_struct_conn.ptnr1_label_comp_id 
_struct_conn.ptnr1_label_seq_id 
_struct_conn.ptnr1_label_atom_id 
_struct_conn.pdbx_ptnr1_label_alt_id 
_struct_conn.pdbx_ptnr1_PDB_ins_code 
_struct_conn.pdbx_ptnr1_standard_comp_id 
_struct_conn.ptnr1_symmetry 
_struct_conn.ptnr2_label_asym_id 
_struct_conn.ptnr2_label_comp_id 
_struct_conn.ptnr2_label_seq_id 
_struct_conn.ptnr2_label_atom_id 
_struct_conn.pdbx_ptnr2_label_alt_id 
_struct_conn.pdbx_ptnr2_PDB_ins_code 
_struct_conn.ptnr1_auth_asym_id 
_struct_conn.ptnr1_auth_comp_id 
_struct_conn.ptnr1_auth_seq_id 
_struct_conn.ptnr2_auth_asym_id 
_struct_conn.ptnr2_auth_comp_id 
_struct_conn.ptnr2_auth_seq_id 
_struct_conn.ptnr2_symmetry 
_struct_conn.pdbx_ptnr3_label_atom_id 
_struct_conn.pdbx_ptnr3_label_seq_id 
_struct_conn.pdbx_ptnr3_label_comp_id 
_struct_conn.pdbx_ptnr3_label_asym_id 
_struct_conn.pdbx_ptnr3_label_alt_id 
_struct_conn.pdbx_ptnr3_PDB_ins_code 
_struct_conn.details 
_struct_conn.pdbx_dist_value 
_struct_conn.pdbx_value_order 
_struct_conn.pdbx_role 
covale1 covale both ? A ACE 1  C   ? ? ? 1_555 A GLU 2  N  ? ? A ACE 0   A GLU 1   1_555 ? ? ? ? ? ? ? 1.336 ? ? 
covale2 covale both ? A LYS 7  C   ? ? ? 1_555 A 7WJ 8  N  ? ? A LYS 6   A 7WJ 7   1_555 ? ? ? ? ? ? ? 1.328 ? ? 
covale3 covale both ? A 7WJ 8  C   ? ? ? 1_555 A GLU 9  N  ? ? A 7WJ 7   A GLU 8   1_555 ? ? ? ? ? ? ? 1.330 ? ? 
covale4 covale both ? A LEU 27 C   ? ? ? 1_555 A 7WJ 28 N  ? ? A LEU 26  A 7WJ 27  1_555 ? ? ? ? ? ? ? 1.330 ? ? 
covale5 covale both ? A 7WJ 28 C   ? ? ? 1_555 A LYS 29 N  ? ? A 7WJ 27  A LYS 28  1_555 ? ? ? ? ? ? ? 1.328 ? ? 
metalc1 metalc ?    ? A 7WJ 8  NT2 ? ? ? 1_555 B CU  .  CU ? ? A 7WJ 7   A CU  101 1_555 ? ? ? ? ? ? ? 1.978 ? ? 
metalc2 metalc ?    ? A 7WJ 8  NU1 ? ? ? 1_555 B CU  .  CU ? ? A 7WJ 7   A CU  101 1_555 ? ? ? ? ? ? ? 2.188 ? ? 
metalc3 metalc ?    ? A 7WJ 8  NU3 ? ? ? 1_555 B CU  .  CU ? ? A 7WJ 7   A CU  101 1_555 ? ? ? ? ? ? ? 2.185 ? ? 
metalc4 metalc ?    ? A 7WJ 28 NT2 ? ? ? 1_555 C CU  .  CU ? ? A 7WJ 27  A CU  102 1_555 ? ? ? ? ? ? ? 1.983 ? ? 
metalc5 metalc ?    ? A 7WJ 28 NU1 ? ? ? 1_555 C CU  .  CU ? ? A 7WJ 27  A CU  102 1_555 ? ? ? ? ? ? ? 2.187 ? ? 
metalc6 metalc ?    ? A 7WJ 28 NU3 ? ? ? 1_555 C CU  .  CU ? ? A 7WJ 27  A CU  102 1_555 ? ? ? ? ? ? ? 2.186 ? ? 
metalc7 metalc ?    ? B CU  .  CU  ? ? ? 1_555 D CIT .  O3 ? ? A CU  101 A CIT 103 1_555 ? ? ? ? ? ? ? 1.815 ? ? 
metalc8 metalc ?    ? C CU  .  CU  ? ? ? 1_555 E CIT .  O2 ? ? A CU  102 A CIT 104 1_555 ? ? ? ? ? ? ? 1.837 ? ? 
# 
loop_
_struct_conn_type.id 
_struct_conn_type.criteria 
_struct_conn_type.reference 
covale ? ? 
metalc ? ? 
# 
loop_
_pdbx_struct_conn_angle.id 
_pdbx_struct_conn_angle.ptnr1_label_atom_id 
_pdbx_struct_conn_angle.ptnr1_label_alt_id 
_pdbx_struct_conn_angle.ptnr1_label_asym_id 
_pdbx_struct_conn_angle.ptnr1_label_comp_id 
_pdbx_struct_conn_angle.ptnr1_label_seq_id 
_pdbx_struct_conn_angle.ptnr1_auth_atom_id 
_pdbx_struct_conn_angle.ptnr1_auth_asym_id 
_pdbx_struct_conn_angle.ptnr1_auth_comp_id 
_pdbx_struct_conn_angle.ptnr1_auth_seq_id 
_pdbx_struct_conn_angle.ptnr1_PDB_ins_code 
_pdbx_struct_conn_angle.ptnr1_symmetry 
_pdbx_struct_conn_angle.ptnr2_label_atom_id 
_pdbx_struct_conn_angle.ptnr2_label_alt_id 
_pdbx_struct_conn_angle.ptnr2_label_asym_id 
_pdbx_struct_conn_angle.ptnr2_label_comp_id 
_pdbx_struct_conn_angle.ptnr2_label_seq_id 
_pdbx_struct_conn_angle.ptnr2_auth_atom_id 
_pdbx_struct_conn_angle.ptnr2_auth_asym_id 
_pdbx_struct_conn_angle.ptnr2_auth_comp_id 
_pdbx_struct_conn_angle.ptnr2_auth_seq_id 
_pdbx_struct_conn_angle.ptnr2_PDB_ins_code 
_pdbx_struct_conn_angle.ptnr2_symmetry 
_pdbx_struct_conn_angle.ptnr3_label_atom_id 
_pdbx_struct_conn_angle.ptnr3_label_alt_id 
_pdbx_struct_conn_angle.ptnr3_label_asym_id 
_pdbx_struct_conn_angle.ptnr3_label_comp_id 
_pdbx_struct_conn_angle.ptnr3_label_seq_id 
_pdbx_struct_conn_angle.ptnr3_auth_atom_id 
_pdbx_struct_conn_angle.ptnr3_auth_asym_id 
_pdbx_struct_conn_angle.ptnr3_auth_comp_id 
_pdbx_struct_conn_angle.ptnr3_auth_seq_id 
_pdbx_struct_conn_angle.ptnr3_PDB_ins_code 
_pdbx_struct_conn_angle.ptnr3_symmetry 
_pdbx_struct_conn_angle.value 
_pdbx_struct_conn_angle.value_esd 
1  NT2 ? A 7WJ 8  ? A 7WJ 7  ? 1_555 CU ? B CU . ? A CU 101 ? 1_555 NU1 ? A 7WJ 8  ? A 7WJ 7   ? 1_555 78.6  ? 
2  NT2 ? A 7WJ 8  ? A 7WJ 7  ? 1_555 CU ? B CU . ? A CU 101 ? 1_555 NU3 ? A 7WJ 8  ? A 7WJ 7   ? 1_555 79.0  ? 
3  NU1 ? A 7WJ 8  ? A 7WJ 7  ? 1_555 CU ? B CU . ? A CU 101 ? 1_555 NU3 ? A 7WJ 8  ? A 7WJ 7   ? 1_555 157.6 ? 
4  NT2 ? A 7WJ 8  ? A 7WJ 7  ? 1_555 CU ? B CU . ? A CU 101 ? 1_555 O3  ? D CIT .  ? A CIT 103 ? 1_555 165.2 ? 
5  NU1 ? A 7WJ 8  ? A 7WJ 7  ? 1_555 CU ? B CU . ? A CU 101 ? 1_555 O3  ? D CIT .  ? A CIT 103 ? 1_555 103.4 ? 
6  NU3 ? A 7WJ 8  ? A 7WJ 7  ? 1_555 CU ? B CU . ? A CU 101 ? 1_555 O3  ? D CIT .  ? A CIT 103 ? 1_555 98.4  ? 
7  NT2 ? A 7WJ 28 ? A 7WJ 27 ? 1_555 CU ? C CU . ? A CU 102 ? 1_555 NU1 ? A 7WJ 28 ? A 7WJ 27  ? 1_555 78.7  ? 
8  NT2 ? A 7WJ 28 ? A 7WJ 27 ? 1_555 CU ? C CU . ? A CU 102 ? 1_555 NU3 ? A 7WJ 28 ? A 7WJ 27  ? 1_555 78.9  ? 
9  NU1 ? A 7WJ 28 ? A 7WJ 27 ? 1_555 CU ? C CU . ? A CU 102 ? 1_555 NU3 ? A 7WJ 28 ? A 7WJ 27  ? 1_555 157.6 ? 
10 NT2 ? A 7WJ 28 ? A 7WJ 27 ? 1_555 CU ? C CU . ? A CU 102 ? 1_555 O2  ? E CIT .  ? A CIT 104 ? 1_555 157.8 ? 
11 NU1 ? A 7WJ 28 ? A 7WJ 27 ? 1_555 CU ? C CU . ? A CU 102 ? 1_555 O2  ? E CIT .  ? A CIT 104 ? 1_555 102.6 ? 
12 NU3 ? A 7WJ 28 ? A 7WJ 27 ? 1_555 CU ? C CU . ? A CU 102 ? 1_555 O2  ? E CIT .  ? A CIT 104 ? 1_555 98.2  ? 
# 
loop_
_pdbx_modification_feature.ordinal 
_pdbx_modification_feature.label_comp_id 
_pdbx_modification_feature.label_asym_id 
_pdbx_modification_feature.label_seq_id 
_pdbx_modification_feature.label_alt_id 
_pdbx_modification_feature.modified_residue_label_comp_id 
_pdbx_modification_feature.modified_residue_label_asym_id 
_pdbx_modification_feature.modified_residue_label_seq_id 
_pdbx_modification_feature.modified_residue_label_alt_id 
_pdbx_modification_feature.auth_comp_id 
_pdbx_modification_feature.auth_asym_id 
_pdbx_modification_feature.auth_seq_id 
_pdbx_modification_feature.PDB_ins_code 
_pdbx_modification_feature.symmetry 
_pdbx_modification_feature.modified_residue_auth_comp_id 
_pdbx_modification_feature.modified_residue_auth_asym_id 
_pdbx_modification_feature.modified_residue_auth_seq_id 
_pdbx_modification_feature.modified_residue_PDB_ins_code 
_pdbx_modification_feature.modified_residue_symmetry 
_pdbx_modification_feature.comp_id_linking_atom 
_pdbx_modification_feature.modified_residue_id_linking_atom 
_pdbx_modification_feature.modified_residue_id 
_pdbx_modification_feature.ref_pcm_id 
_pdbx_modification_feature.ref_comp_id 
_pdbx_modification_feature.type 
_pdbx_modification_feature.category 
1 7WJ A 8  ? .   . . . 7WJ A 7  ? 1_555 .   . . . .     . . ?   1  7WJ None 'Non-standard residue' 
2 7WJ A 28 ? .   . . . 7WJ A 27 ? 1_555 .   . . . .     . . ?   1  7WJ None 'Non-standard residue' 
3 ACE A 1  ? GLU A 2 ? ACE A 0  ? 1_555 GLU A 1 ? 1_555 . . GLU 10 ACE None 'Terminal acetylation' 
# 
loop_
_struct_site.id 
_struct_site.pdbx_evidence_code 
_struct_site.pdbx_auth_asym_id 
_struct_site.pdbx_auth_comp_id 
_struct_site.pdbx_auth_seq_id 
_struct_site.pdbx_auth_ins_code 
_struct_site.pdbx_num_residues 
_struct_site.details 
AC1 Software A CU  101 ? 2 'binding site for residue CU A 101'  
AC2 Software A CU  102 ? 3 'binding site for residue CU A 102'  
AC3 Software A CIT 103 ? 4 'binding site for residue CIT A 103' 
AC4 Software A CIT 104 ? 5 'binding site for residue CIT A 104' 
# 
loop_
_struct_site_gen.id 
_struct_site_gen.site_id 
_struct_site_gen.pdbx_num_res 
_struct_site_gen.label_comp_id 
_struct_site_gen.label_asym_id 
_struct_site_gen.label_seq_id 
_struct_site_gen.pdbx_auth_ins_code 
_struct_site_gen.auth_comp_id 
_struct_site_gen.auth_asym_id 
_struct_site_gen.auth_seq_id 
_struct_site_gen.label_atom_id 
_struct_site_gen.label_alt_id 
_struct_site_gen.symmetry 
_struct_site_gen.details 
1  AC1 2 7WJ A 8  ? 7WJ A 7   . ? 1_555 ? 
2  AC1 2 CIT D .  ? CIT A 103 . ? 1_555 ? 
3  AC2 3 7WJ A 28 ? 7WJ A 27  . ? 1_555 ? 
4  AC2 3 CIT E .  ? CIT A 104 . ? 1_555 ? 
5  AC2 3 HOH F .  ? HOH A 215 . ? 1_555 ? 
6  AC3 4 7WJ A 8  ? 7WJ A 7   . ? 1_555 ? 
7  AC3 4 7WJ A 28 ? 7WJ A 27  . ? 3_545 ? 
8  AC3 4 LYS A 29 ? LYS A 28  . ? 3_545 ? 
9  AC3 4 CU  B .  ? CU  A 101 . ? 1_555 ? 
10 AC4 5 LYS A 7  ? LYS A 6   . ? 3_455 ? 
11 AC4 5 7WJ A 8  ? 7WJ A 7   . ? 3_455 ? 
12 AC4 5 7WJ A 28 ? 7WJ A 27  . ? 1_555 ? 
13 AC4 5 CU  C .  ? CU  A 102 . ? 1_555 ? 
14 AC4 5 HOH F .  ? HOH A 205 . ? 1_555 ? 
# 
_pdbx_entry_details.entry_id                   5U59 
_pdbx_entry_details.compound_details           ? 
_pdbx_entry_details.source_details             ? 
_pdbx_entry_details.nonpolymer_details         ? 
_pdbx_entry_details.sequence_details           ? 
_pdbx_entry_details.has_ligand_of_interest     ? 
_pdbx_entry_details.has_protein_modification   Y 
# 
_pdbx_validate_close_contact.id               1 
_pdbx_validate_close_contact.PDB_model_num    1 
_pdbx_validate_close_contact.auth_atom_id_1   O 
_pdbx_validate_close_contact.auth_asym_id_1   A 
_pdbx_validate_close_contact.auth_comp_id_1   LEU 
_pdbx_validate_close_contact.auth_seq_id_1    5 
_pdbx_validate_close_contact.PDB_ins_code_1   ? 
_pdbx_validate_close_contact.label_alt_id_1   ? 
_pdbx_validate_close_contact.auth_atom_id_2   ND2 
_pdbx_validate_close_contact.auth_asym_id_2   A 
_pdbx_validate_close_contact.auth_comp_id_2   ASN 
_pdbx_validate_close_contact.auth_seq_id_2    9 
_pdbx_validate_close_contact.PDB_ins_code_2   ? 
_pdbx_validate_close_contact.label_alt_id_2   B 
_pdbx_validate_close_contact.dist             2.14 
# 
_pdbx_unobs_or_zero_occ_residues.id               1 
_pdbx_unobs_or_zero_occ_residues.PDB_model_num    1 
_pdbx_unobs_or_zero_occ_residues.polymer_flag     Y 
_pdbx_unobs_or_zero_occ_residues.occupancy_flag   1 
_pdbx_unobs_or_zero_occ_residues.auth_asym_id     A 
_pdbx_unobs_or_zero_occ_residues.auth_comp_id     NH2 
_pdbx_unobs_or_zero_occ_residues.auth_seq_id      30 
_pdbx_unobs_or_zero_occ_residues.PDB_ins_code     ? 
_pdbx_unobs_or_zero_occ_residues.label_asym_id    A 
_pdbx_unobs_or_zero_occ_residues.label_comp_id    NH2 
_pdbx_unobs_or_zero_occ_residues.label_seq_id     31 
# 
loop_
_chem_comp_atom.comp_id 
_chem_comp_atom.atom_id 
_chem_comp_atom.type_symbol 
_chem_comp_atom.pdbx_aromatic_flag 
_chem_comp_atom.pdbx_stereo_config 
_chem_comp_atom.pdbx_ordinal 
7WJ C    C  N N 1   
7WJ CA   C  N S 2   
7WJ CB   C  N N 3   
7WJ CE   C  N N 4   
7WJ O    O  N N 5   
7WJ N    N  N N 6   
7WJ OE   O  N N 7   
7WJ CG   C  N N 8   
7WJ ND   N  N N 9   
7WJ CQ   C  Y N 10  
7WJ CR1  C  Y N 11  
7WJ CR2  C  Y N 12  
7WJ CS1  C  Y N 13  
7WJ CS2  C  Y N 14  
7WJ CT1  C  Y N 15  
7WJ CT3  C  Y N 16  
7WJ CU2  C  Y N 17  
7WJ CU4  C  Y N 18  
7WJ CV1  C  Y N 19  
7WJ CV2  C  Y N 20  
7WJ CV3  C  Y N 21  
7WJ CV4  C  Y N 22  
7WJ CW1  C  Y N 23  
7WJ CW2  C  Y N 24  
7WJ NT2  N  Y N 25  
7WJ NU1  N  Y N 26  
7WJ NU3  N  Y N 27  
7WJ HA   H  N N 28  
7WJ H3   H  N N 29  
7WJ H4   H  N N 30  
7WJ H    H  N N 31  
7WJ H2   H  N N 32  
7WJ H8   H  N N 33  
7WJ H9   H  N N 34  
7WJ H10  H  N N 35  
7WJ H11  H  N N 36  
7WJ H12  H  N N 37  
7WJ H13  H  N N 38  
7WJ H14  H  N N 39  
7WJ H15  H  N N 40  
7WJ H16  H  N N 41  
7WJ H17  H  N N 42  
7WJ H18  H  N N 43  
7WJ H19  H  N N 44  
7WJ H20  H  N N 45  
7WJ OXT  O  N N 46  
7WJ HXT  H  N N 47  
ACE C    C  N N 48  
ACE O    O  N N 49  
ACE CH3  C  N N 50  
ACE H    H  N N 51  
ACE H1   H  N N 52  
ACE H2   H  N N 53  
ACE H3   H  N N 54  
ALA N    N  N N 55  
ALA CA   C  N S 56  
ALA C    C  N N 57  
ALA O    O  N N 58  
ALA CB   C  N N 59  
ALA OXT  O  N N 60  
ALA H    H  N N 61  
ALA H2   H  N N 62  
ALA HA   H  N N 63  
ALA HB1  H  N N 64  
ALA HB2  H  N N 65  
ALA HB3  H  N N 66  
ALA HXT  H  N N 67  
ASN N    N  N N 68  
ASN CA   C  N S 69  
ASN C    C  N N 70  
ASN O    O  N N 71  
ASN CB   C  N N 72  
ASN CG   C  N N 73  
ASN OD1  O  N N 74  
ASN ND2  N  N N 75  
ASN OXT  O  N N 76  
ASN H    H  N N 77  
ASN H2   H  N N 78  
ASN HA   H  N N 79  
ASN HB2  H  N N 80  
ASN HB3  H  N N 81  
ASN HD21 H  N N 82  
ASN HD22 H  N N 83  
ASN HXT  H  N N 84  
CIT C1   C  N N 85  
CIT O1   O  N N 86  
CIT O2   O  N N 87  
CIT C2   C  N N 88  
CIT C3   C  N N 89  
CIT O7   O  N N 90  
CIT C4   C  N N 91  
CIT C5   C  N N 92  
CIT O3   O  N N 93  
CIT O4   O  N N 94  
CIT C6   C  N N 95  
CIT O5   O  N N 96  
CIT O6   O  N N 97  
CIT HO2  H  N N 98  
CIT H21  H  N N 99  
CIT H22  H  N N 100 
CIT HO7  H  N N 101 
CIT H41  H  N N 102 
CIT H42  H  N N 103 
CIT HO4  H  N N 104 
CIT HO6  H  N N 105 
CU  CU   CU N N 106 
GLU N    N  N N 107 
GLU CA   C  N S 108 
GLU C    C  N N 109 
GLU O    O  N N 110 
GLU CB   C  N N 111 
GLU CG   C  N N 112 
GLU CD   C  N N 113 
GLU OE1  O  N N 114 
GLU OE2  O  N N 115 
GLU OXT  O  N N 116 
GLU H    H  N N 117 
GLU H2   H  N N 118 
GLU HA   H  N N 119 
GLU HB2  H  N N 120 
GLU HB3  H  N N 121 
GLU HG2  H  N N 122 
GLU HG3  H  N N 123 
GLU HE2  H  N N 124 
GLU HXT  H  N N 125 
GLY N    N  N N 126 
GLY CA   C  N N 127 
GLY C    C  N N 128 
GLY O    O  N N 129 
GLY OXT  O  N N 130 
GLY H    H  N N 131 
GLY H2   H  N N 132 
GLY HA2  H  N N 133 
GLY HA3  H  N N 134 
GLY HXT  H  N N 135 
HOH O    O  N N 136 
HOH H1   H  N N 137 
HOH H2   H  N N 138 
ILE N    N  N N 139 
ILE CA   C  N S 140 
ILE C    C  N N 141 
ILE O    O  N N 142 
ILE CB   C  N S 143 
ILE CG1  C  N N 144 
ILE CG2  C  N N 145 
ILE CD1  C  N N 146 
ILE OXT  O  N N 147 
ILE H    H  N N 148 
ILE H2   H  N N 149 
ILE HA   H  N N 150 
ILE HB   H  N N 151 
ILE HG12 H  N N 152 
ILE HG13 H  N N 153 
ILE HG21 H  N N 154 
ILE HG22 H  N N 155 
ILE HG23 H  N N 156 
ILE HD11 H  N N 157 
ILE HD12 H  N N 158 
ILE HD13 H  N N 159 
ILE HXT  H  N N 160 
LEU N    N  N N 161 
LEU CA   C  N S 162 
LEU C    C  N N 163 
LEU O    O  N N 164 
LEU CB   C  N N 165 
LEU CG   C  N N 166 
LEU CD1  C  N N 167 
LEU CD2  C  N N 168 
LEU OXT  O  N N 169 
LEU H    H  N N 170 
LEU H2   H  N N 171 
LEU HA   H  N N 172 
LEU HB2  H  N N 173 
LEU HB3  H  N N 174 
LEU HG   H  N N 175 
LEU HD11 H  N N 176 
LEU HD12 H  N N 177 
LEU HD13 H  N N 178 
LEU HD21 H  N N 179 
LEU HD22 H  N N 180 
LEU HD23 H  N N 181 
LEU HXT  H  N N 182 
LYS N    N  N N 183 
LYS CA   C  N S 184 
LYS C    C  N N 185 
LYS O    O  N N 186 
LYS CB   C  N N 187 
LYS CG   C  N N 188 
LYS CD   C  N N 189 
LYS CE   C  N N 190 
LYS NZ   N  N N 191 
LYS OXT  O  N N 192 
LYS H    H  N N 193 
LYS H2   H  N N 194 
LYS HA   H  N N 195 
LYS HB2  H  N N 196 
LYS HB3  H  N N 197 
LYS HG2  H  N N 198 
LYS HG3  H  N N 199 
LYS HD2  H  N N 200 
LYS HD3  H  N N 201 
LYS HE2  H  N N 202 
LYS HE3  H  N N 203 
LYS HZ1  H  N N 204 
LYS HZ2  H  N N 205 
LYS HZ3  H  N N 206 
LYS HXT  H  N N 207 
NH2 N    N  N N 208 
NH2 HN1  H  N N 209 
NH2 HN2  H  N N 210 
# 
loop_
_chem_comp_bond.comp_id 
_chem_comp_bond.atom_id_1 
_chem_comp_bond.atom_id_2 
_chem_comp_bond.value_order 
_chem_comp_bond.pdbx_aromatic_flag 
_chem_comp_bond.pdbx_stereo_config 
_chem_comp_bond.pdbx_ordinal 
7WJ CG  CB   sing N N 1   
7WJ CG  ND   sing N N 2   
7WJ N   CA   sing N N 3   
7WJ OE  CE   doub N N 4   
7WJ CB  CA   sing N N 5   
7WJ ND  CE   sing N N 6   
7WJ CE  CQ   sing N N 7   
7WJ CA  C    sing N N 8   
7WJ CQ  CR2  doub Y N 9   
7WJ CQ  CR1  sing Y N 10  
7WJ CR2 CS2  sing Y N 11  
7WJ CU4 CV4  doub Y N 12  
7WJ CU4 CT3  sing Y N 13  
7WJ C   O    doub N N 14  
7WJ CV4 CW2  sing Y N 15  
7WJ CR1 CS1  doub Y N 16  
7WJ CS2 CT3  sing N N 17  
7WJ CS2 NT2  doub Y N 18  
7WJ CT3 NU3  doub Y N 19  
7WJ CW2 CV3  doub Y N 20  
7WJ CS1 NT2  sing Y N 21  
7WJ CS1 CT1  sing N N 22  
7WJ NU3 CV3  sing Y N 23  
7WJ CT1 CU2  doub Y N 24  
7WJ CT1 NU1  sing Y N 25  
7WJ CU2 CV2  sing Y N 26  
7WJ NU1 CV1  doub Y N 27  
7WJ CV2 CW1  doub Y N 28  
7WJ CV1 CW1  sing Y N 29  
7WJ CA  HA   sing N N 30  
7WJ CB  H3   sing N N 31  
7WJ CB  H4   sing N N 32  
7WJ N   H    sing N N 33  
7WJ N   H2   sing N N 34  
7WJ CG  H8   sing N N 35  
7WJ CG  H9   sing N N 36  
7WJ ND  H10  sing N N 37  
7WJ CR1 H11  sing N N 38  
7WJ CR2 H12  sing N N 39  
7WJ CU2 H13  sing N N 40  
7WJ CU4 H14  sing N N 41  
7WJ CV1 H15  sing N N 42  
7WJ CV2 H16  sing N N 43  
7WJ CV3 H17  sing N N 44  
7WJ CV4 H18  sing N N 45  
7WJ CW1 H19  sing N N 46  
7WJ CW2 H20  sing N N 47  
7WJ C   OXT  sing N N 48  
7WJ OXT HXT  sing N N 49  
ACE C   O    doub N N 50  
ACE C   CH3  sing N N 51  
ACE C   H    sing N N 52  
ACE CH3 H1   sing N N 53  
ACE CH3 H2   sing N N 54  
ACE CH3 H3   sing N N 55  
ALA N   CA   sing N N 56  
ALA N   H    sing N N 57  
ALA N   H2   sing N N 58  
ALA CA  C    sing N N 59  
ALA CA  CB   sing N N 60  
ALA CA  HA   sing N N 61  
ALA C   O    doub N N 62  
ALA C   OXT  sing N N 63  
ALA CB  HB1  sing N N 64  
ALA CB  HB2  sing N N 65  
ALA CB  HB3  sing N N 66  
ALA OXT HXT  sing N N 67  
ASN N   CA   sing N N 68  
ASN N   H    sing N N 69  
ASN N   H2   sing N N 70  
ASN CA  C    sing N N 71  
ASN CA  CB   sing N N 72  
ASN CA  HA   sing N N 73  
ASN C   O    doub N N 74  
ASN C   OXT  sing N N 75  
ASN CB  CG   sing N N 76  
ASN CB  HB2  sing N N 77  
ASN CB  HB3  sing N N 78  
ASN CG  OD1  doub N N 79  
ASN CG  ND2  sing N N 80  
ASN ND2 HD21 sing N N 81  
ASN ND2 HD22 sing N N 82  
ASN OXT HXT  sing N N 83  
CIT C1  O1   doub N N 84  
CIT C1  O2   sing N N 85  
CIT C1  C2   sing N N 86  
CIT O2  HO2  sing N N 87  
CIT C2  C3   sing N N 88  
CIT C2  H21  sing N N 89  
CIT C2  H22  sing N N 90  
CIT C3  O7   sing N N 91  
CIT C3  C4   sing N N 92  
CIT C3  C6   sing N N 93  
CIT O7  HO7  sing N N 94  
CIT C4  C5   sing N N 95  
CIT C4  H41  sing N N 96  
CIT C4  H42  sing N N 97  
CIT C5  O3   doub N N 98  
CIT C5  O4   sing N N 99  
CIT O4  HO4  sing N N 100 
CIT C6  O5   doub N N 101 
CIT C6  O6   sing N N 102 
CIT O6  HO6  sing N N 103 
GLU N   CA   sing N N 104 
GLU N   H    sing N N 105 
GLU N   H2   sing N N 106 
GLU CA  C    sing N N 107 
GLU CA  CB   sing N N 108 
GLU CA  HA   sing N N 109 
GLU C   O    doub N N 110 
GLU C   OXT  sing N N 111 
GLU CB  CG   sing N N 112 
GLU CB  HB2  sing N N 113 
GLU CB  HB3  sing N N 114 
GLU CG  CD   sing N N 115 
GLU CG  HG2  sing N N 116 
GLU CG  HG3  sing N N 117 
GLU CD  OE1  doub N N 118 
GLU CD  OE2  sing N N 119 
GLU OE2 HE2  sing N N 120 
GLU OXT HXT  sing N N 121 
GLY N   CA   sing N N 122 
GLY N   H    sing N N 123 
GLY N   H2   sing N N 124 
GLY CA  C    sing N N 125 
GLY CA  HA2  sing N N 126 
GLY CA  HA3  sing N N 127 
GLY C   O    doub N N 128 
GLY C   OXT  sing N N 129 
GLY OXT HXT  sing N N 130 
HOH O   H1   sing N N 131 
HOH O   H2   sing N N 132 
ILE N   CA   sing N N 133 
ILE N   H    sing N N 134 
ILE N   H2   sing N N 135 
ILE CA  C    sing N N 136 
ILE CA  CB   sing N N 137 
ILE CA  HA   sing N N 138 
ILE C   O    doub N N 139 
ILE C   OXT  sing N N 140 
ILE CB  CG1  sing N N 141 
ILE CB  CG2  sing N N 142 
ILE CB  HB   sing N N 143 
ILE CG1 CD1  sing N N 144 
ILE CG1 HG12 sing N N 145 
ILE CG1 HG13 sing N N 146 
ILE CG2 HG21 sing N N 147 
ILE CG2 HG22 sing N N 148 
ILE CG2 HG23 sing N N 149 
ILE CD1 HD11 sing N N 150 
ILE CD1 HD12 sing N N 151 
ILE CD1 HD13 sing N N 152 
ILE OXT HXT  sing N N 153 
LEU N   CA   sing N N 154 
LEU N   H    sing N N 155 
LEU N   H2   sing N N 156 
LEU CA  C    sing N N 157 
LEU CA  CB   sing N N 158 
LEU CA  HA   sing N N 159 
LEU C   O    doub N N 160 
LEU C   OXT  sing N N 161 
LEU CB  CG   sing N N 162 
LEU CB  HB2  sing N N 163 
LEU CB  HB3  sing N N 164 
LEU CG  CD1  sing N N 165 
LEU CG  CD2  sing N N 166 
LEU CG  HG   sing N N 167 
LEU CD1 HD11 sing N N 168 
LEU CD1 HD12 sing N N 169 
LEU CD1 HD13 sing N N 170 
LEU CD2 HD21 sing N N 171 
LEU CD2 HD22 sing N N 172 
LEU CD2 HD23 sing N N 173 
LEU OXT HXT  sing N N 174 
LYS N   CA   sing N N 175 
LYS N   H    sing N N 176 
LYS N   H2   sing N N 177 
LYS CA  C    sing N N 178 
LYS CA  CB   sing N N 179 
LYS CA  HA   sing N N 180 
LYS C   O    doub N N 181 
LYS C   OXT  sing N N 182 
LYS CB  CG   sing N N 183 
LYS CB  HB2  sing N N 184 
LYS CB  HB3  sing N N 185 
LYS CG  CD   sing N N 186 
LYS CG  HG2  sing N N 187 
LYS CG  HG3  sing N N 188 
LYS CD  CE   sing N N 189 
LYS CD  HD2  sing N N 190 
LYS CD  HD3  sing N N 191 
LYS CE  NZ   sing N N 192 
LYS CE  HE2  sing N N 193 
LYS CE  HE3  sing N N 194 
LYS NZ  HZ1  sing N N 195 
LYS NZ  HZ2  sing N N 196 
LYS NZ  HZ3  sing N N 197 
LYS OXT HXT  sing N N 198 
NH2 N   HN1  sing N N 199 
NH2 N   HN2  sing N N 200 
# 
_pdbx_audit_support.funding_organization   'National Science Foundation (NSF, United States)' 
_pdbx_audit_support.country                'United States' 
_pdbx_audit_support.grant_number           DMR1149067 
_pdbx_audit_support.ordinal                1 
# 
_pdbx_initial_refinement_model.id               1 
_pdbx_initial_refinement_model.entity_id_list   ? 
_pdbx_initial_refinement_model.type             'experimental model' 
_pdbx_initial_refinement_model.source_name      PDB 
_pdbx_initial_refinement_model.accession_code   4DZM 
_pdbx_initial_refinement_model.details          ? 
# 
_atom_sites.entry_id                    5U59 
_atom_sites.fract_transf_matrix[1][1]   -0.02090726 
_atom_sites.fract_transf_matrix[1][2]   0.01499955 
_atom_sites.fract_transf_matrix[1][3]   0.01194324 
_atom_sites.fract_transf_matrix[2][1]   0.00073246 
_atom_sites.fract_transf_matrix[2][2]   -0.01129583 
_atom_sites.fract_transf_matrix[2][3]   0.01546867 
_atom_sites.fract_transf_matrix[3][1]   0.01920791 
_atom_sites.fract_transf_matrix[3][2]   0.02902383 
_atom_sites.fract_transf_matrix[3][3]   0.02028482 
_atom_sites.fract_transf_vector[1]      0.121309 
_atom_sites.fract_transf_vector[2]      -0.138379 
_atom_sites.fract_transf_vector[3]      1.099502 
# 
loop_
_atom_type.symbol 
C  
CU 
N  
O  
# 
loop_
_atom_site.group_PDB 
_atom_site.id 
_atom_site.type_symbol 
_atom_site.label_atom_id 
_atom_site.label_alt_id 
_atom_site.label_comp_id 
_atom_site.label_asym_id 
_atom_site.label_entity_id 
_atom_site.label_seq_id 
_atom_site.pdbx_PDB_ins_code 
_atom_site.Cartn_x 
_atom_site.Cartn_y 
_atom_site.Cartn_z 
_atom_site.occupancy 
_atom_site.B_iso_or_equiv 
_atom_site.pdbx_formal_charge 
_atom_site.auth_seq_id 
_atom_site.auth_comp_id 
_atom_site.auth_asym_id 
_atom_site.auth_atom_id 
_atom_site.pdbx_PDB_model_num 
HETATM 1   C  C   . ACE A 1 1  ? -4.977 9.520   -17.548 1.00 59.48 ? 0   ACE A C   1 
HETATM 2   O  O   . ACE A 1 1  ? -5.104 9.174   -16.372 1.00 43.93 ? 0   ACE A O   1 
HETATM 3   C  CH3 . ACE A 1 1  ? -5.608 10.815  -18.049 1.00 51.70 ? 0   ACE A CH3 1 
ATOM   4   N  N   . GLU A 1 2  ? -4.294 8.812   -18.452 1.00 44.11 ? 1   GLU A N   1 
ATOM   5   C  CA  . GLU A 1 2  ? -3.652 7.556   -18.080 1.00 51.50 ? 1   GLU A CA  1 
ATOM   6   C  C   . GLU A 1 2  ? -2.564 7.777   -17.036 1.00 56.88 ? 1   GLU A C   1 
ATOM   7   O  O   . GLU A 1 2  ? -2.361 6.933   -16.153 1.00 55.11 ? 1   GLU A O   1 
ATOM   8   C  CB  . GLU A 1 2  ? -3.078 6.875   -19.323 1.00 49.56 ? 1   GLU A CB  1 
ATOM   9   C  CG  . GLU A 1 2  ? -2.340 5.574   -19.049 1.00 68.68 ? 1   GLU A CG  1 
ATOM   10  C  CD  . GLU A 1 2  ? -1.944 4.855   -20.322 1.00 77.11 ? 1   GLU A CD  1 
ATOM   11  O  OE1 . GLU A 1 2  ? -1.717 3.627   -20.269 1.00 73.83 ? 1   GLU A OE1 1 
ATOM   12  O  OE2 . GLU A 1 2  ? -1.865 5.517   -21.379 1.00 78.55 ? 1   GLU A OE2 1 
ATOM   13  N  N   . ILE A 1 3  ? -1.854 8.904   -17.113 1.00 49.35 ? 2   ILE A N   1 
ATOM   14  C  CA  . ILE A 1 3  ? -0.849 9.213   -16.099 1.00 45.06 ? 2   ILE A CA  1 
ATOM   15  C  C   . ILE A 1 3  ? -1.514 9.390   -14.739 1.00 55.35 ? 2   ILE A C   1 
ATOM   16  O  O   . ILE A 1 3  ? -1.064 8.836   -13.731 1.00 40.79 ? 2   ILE A O   1 
ATOM   17  C  CB  . ILE A 1 3  ? -0.034 10.456  -16.501 1.00 47.20 ? 2   ILE A CB  1 
ATOM   18  C  CG1 . ILE A 1 3  ? 0.826  10.148  -17.732 1.00 58.23 ? 2   ILE A CG1 1 
ATOM   19  C  CG2 . ILE A 1 3  ? 0.839  10.928  -15.347 1.00 42.94 ? 2   ILE A CG2 1 
ATOM   20  C  CD1 . ILE A 1 3  ? 1.688  11.308  -18.200 1.00 50.05 ? 2   ILE A CD1 1 
ATOM   21  N  N   . ALA A 1 4  ? -2.613 10.147  -14.700 1.00 49.90 ? 3   ALA A N   1 
ATOM   22  C  CA  . ALA A 1 4  ? -3.315 10.358  -13.438 1.00 57.90 ? 3   ALA A CA  1 
ATOM   23  C  C   . ALA A 1 4  ? -3.875 9.052   -12.890 1.00 46.90 ? 3   ALA A C   1 
ATOM   24  O  O   . ALA A 1 4  ? -3.785 8.786   -11.686 1.00 49.85 ? 3   ALA A O   1 
ATOM   25  C  CB  . ALA A 1 4  ? -4.431 11.386  -13.620 1.00 40.58 ? 3   ALA A CB  1 
ATOM   26  N  N   . ALA A 1 5  ? -4.455 8.220   -13.760 1.00 40.01 ? 4   ALA A N   1 
ATOM   27  C  CA  . ALA A 1 5  ? -4.982 6.935   -13.312 1.00 51.11 ? 4   ALA A CA  1 
ATOM   28  C  C   . ALA A 1 5  ? -3.864 6.030   -12.806 1.00 49.41 ? 4   ALA A C   1 
ATOM   29  O  O   . ALA A 1 5  ? -4.028 5.334   -11.797 1.00 51.54 ? 4   ALA A O   1 
ATOM   30  C  CB  . ALA A 1 5  ? -5.759 6.262   -14.444 1.00 39.68 ? 4   ALA A CB  1 
ATOM   31  N  N   . LEU A 1 6  ? -2.717 6.032   -13.489 1.00 45.01 ? 5   LEU A N   1 
ATOM   32  C  CA  . LEU A 1 6  ? -1.588 5.232   -13.026 1.00 49.57 ? 5   LEU A CA  1 
ATOM   33  C  C   . LEU A 1 6  ? -1.056 5.747   -11.695 1.00 43.95 ? 5   LEU A C   1 
ATOM   34  O  O   . LEU A 1 6  ? -0.743 4.955   -10.800 1.00 35.12 ? 5   LEU A O   1 
ATOM   35  C  CB  . LEU A 1 6  ? -0.485 5.209   -14.086 1.00 39.73 ? 5   LEU A CB  1 
ATOM   36  C  CG  . LEU A 1 6  ? -0.695 4.176   -15.201 1.00 37.11 ? 5   LEU A CG  1 
ATOM   37  C  CD1 . LEU A 1 6  ? 0.298  4.371   -16.333 1.00 41.67 ? 5   LEU A CD1 1 
ATOM   38  C  CD2 . LEU A 1 6  ? -0.595 2.760   -14.650 1.00 49.09 ? 5   LEU A CD2 1 
ATOM   39  N  N   . LYS A 1 7  ? -0.962 7.065   -11.539 1.00 43.29 ? 6   LYS A N   1 
ATOM   40  C  CA  . LYS A 1 7  ? -0.553 7.670   -10.272 1.00 42.66 ? 6   LYS A CA  1 
ATOM   41  C  C   . LYS A 1 7  ? -1.441 7.228   -9.112  1.00 44.22 ? 6   LYS A C   1 
ATOM   42  O  O   . LYS A 1 7  ? -0.970 7.059   -7.987  1.00 38.44 ? 6   LYS A O   1 
ATOM   43  C  CB  . LYS A 1 7  ? -0.579 9.197   -10.370 1.00 50.40 ? 6   LYS A CB  1 
ATOM   44  C  CG  . LYS A 1 7  ? 0.647  9.813   -11.013 1.00 50.38 ? 6   LYS A CG  1 
ATOM   45  C  CD  . LYS A 1 7  ? 0.587  11.331  -10.935 1.00 64.51 ? 6   LYS A CD  1 
ATOM   46  C  CE  . LYS A 1 7  ? 1.868  11.964  -11.451 1.00 76.10 ? 6   LYS A CE  1 
ATOM   47  N  NZ  . LYS A 1 7  ? 1.834  13.448  -11.354 1.00 73.27 ? 6   LYS A NZ  1 
HETATM 48  C  C   . 7WJ A 1 8  ? -3.604 5.204   -7.978  1.00 40.93 ? 7   7WJ A C   1 
HETATM 49  C  CA  . 7WJ A 1 8  ? -3.699 6.658   -8.327  1.00 37.37 ? 7   7WJ A CA  1 
HETATM 50  C  CB  . 7WJ A 1 8  ? -5.113 7.011   -8.765  1.00 43.57 ? 7   7WJ A CB  1 
HETATM 51  C  CE  . 7WJ A 1 8  ? -4.416 9.499   -6.585  1.00 46.01 ? 7   7WJ A CE  1 
HETATM 52  O  O   . 7WJ A 1 8  ? -3.748 4.841   -6.810  1.00 40.17 ? 7   7WJ A O   1 
HETATM 53  N  N   . 7WJ A 1 8  ? -2.726 7.043   -9.389  1.00 40.48 ? 7   7WJ A N   1 
HETATM 54  O  OE  . 7WJ A 1 8  ? -3.311 9.678   -7.073  1.00 38.22 ? 7   7WJ A OE  1 
HETATM 55  C  CG  . 7WJ A 1 8  ? -5.309 8.517   -8.648  1.00 46.62 ? 7   7WJ A CG  1 
HETATM 56  N  ND  . 7WJ A 1 8  ? -5.423 8.951   -7.267  1.00 36.76 ? 7   7WJ A ND  1 
HETATM 57  C  CQ  . 7WJ A 1 8  ? -4.687 9.906   -5.167  1.00 40.86 ? 7   7WJ A CQ  1 
HETATM 58  C  CR1 . 7WJ A 1 8  ? -3.912 10.882  -4.543  1.00 38.81 ? 7   7WJ A CR1 1 
HETATM 59  C  CR2 . 7WJ A 1 8  ? -5.737 9.307   -4.473  1.00 39.35 ? 7   7WJ A CR2 1 
HETATM 60  C  CS1 . 7WJ A 1 8  ? -4.213 11.226  -3.231  1.00 44.10 ? 7   7WJ A CS1 1 
HETATM 61  C  CS2 . 7WJ A 1 8  ? -5.982 9.697   -3.163  1.00 39.23 ? 7   7WJ A CS2 1 
HETATM 62  C  CT1 . 7WJ A 1 8  ? -3.476 12.239  -2.444  1.00 52.87 ? 7   7WJ A CT1 1 
HETATM 63  C  CT3 . 7WJ A 1 8  ? -7.057 9.142   -2.308  1.00 34.36 ? 7   7WJ A CT3 1 
HETATM 64  C  CU2 . 7WJ A 1 8  ? -2.402 12.945  -2.968  1.00 57.38 ? 7   7WJ A CU2 1 
HETATM 65  C  CU4 . 7WJ A 1 8  ? -7.930 8.161   -2.758  1.00 42.30 ? 7   7WJ A CU4 1 
HETATM 66  C  CV1 . 7WJ A 1 8  ? -3.299 13.343  -0.396  1.00 49.67 ? 7   7WJ A CV1 1 
HETATM 67  C  CV2 . 7WJ A 1 8  ? -1.761 13.879  -2.169  1.00 48.61 ? 7   7WJ A CV2 1 
HETATM 68  C  CV3 . 7WJ A 1 8  ? -8.088 9.206   -0.207  1.00 34.20 ? 7   7WJ A CV3 1 
HETATM 69  C  CV4 . 7WJ A 1 8  ? -8.911 7.697   -1.890  1.00 45.68 ? 7   7WJ A CV4 1 
HETATM 70  C  CW1 . 7WJ A 1 8  ? -2.218 14.077  -0.871  1.00 64.58 ? 7   7WJ A CW1 1 
HETATM 71  C  CW2 . 7WJ A 1 8  ? -8.988 8.226   -0.607  1.00 42.92 ? 7   7WJ A CW2 1 
HETATM 72  N  NT2 . 7WJ A 1 8  ? -5.224 10.633  -2.584  1.00 44.08 ? 7   7WJ A NT2 1 
HETATM 73  N  NU1 . 7WJ A 1 8  ? -3.906 12.445  -1.179  1.00 49.56 ? 7   7WJ A NU1 1 
HETATM 74  N  NU3 . 7WJ A 1 8  ? -7.150 9.641   -1.056  1.00 50.67 ? 7   7WJ A NU3 1 
ATOM   75  N  N   . GLU A 1 9  ? -3.360 4.358   -8.973  1.00 33.90 ? 8   GLU A N   1 
ATOM   76  C  CA  . GLU A 1 9  ? -3.102 2.947   -8.704  1.00 35.65 ? 8   GLU A CA  1 
ATOM   77  C  C   . GLU A 1 9  ? -1.866 2.819   -7.823  1.00 39.37 ? 8   GLU A C   1 
ATOM   78  O  O   . GLU A 1 9  ? -1.808 1.981   -6.932  1.00 38.21 ? 8   GLU A O   1 
ATOM   79  C  CB  . GLU A 1 9  ? -2.917 2.160   -10.005 1.00 48.37 ? 8   GLU A CB  1 
ATOM   80  C  CG  . GLU A 1 9  ? -4.174 2.056   -10.846 1.00 62.07 ? 8   GLU A CG  1 
ATOM   81  C  CD  . GLU A 1 9  ? -4.081 0.974   -11.903 1.00 69.71 ? 8   GLU A CD  1 
ATOM   82  O  OE1 . GLU A 1 9  ? -3.326 -0.003  -11.698 1.00 73.76 ? 8   GLU A OE1 1 
ATOM   83  O  OE2 . GLU A 1 9  ? -4.763 1.104   -12.942 1.00 62.65 ? 8   GLU A OE2 1 
ATOM   84  N  N   . ASN A 1 10 ? -0.889 3.690   -8.083  1.00 38.09 ? 9   ASN A N   1 
ATOM   85  C  CA  A ASN A 1 10 ? 0.346  3.690   -7.309  0.50 40.55 ? 9   ASN A CA  1 
ATOM   86  C  CA  B ASN A 1 10 ? 0.345  3.684   -7.301  0.50 40.46 ? 9   ASN A CA  1 
ATOM   87  C  C   . ASN A 1 10 ? 0.080  4.050   -5.847  1.00 31.50 ? 9   ASN A C   1 
ATOM   88  O  O   . ASN A 1 10 ? 0.593  3.390   -4.933  1.00 40.06 ? 9   ASN A O   1 
ATOM   89  C  CB  A ASN A 1 10 ? 1.344  4.660   -7.949  0.50 33.91 ? 9   ASN A CB  1 
ATOM   90  C  CB  B ASN A 1 10 ? 1.361  4.654   -7.905  0.50 33.95 ? 9   ASN A CB  1 
ATOM   91  C  CG  A ASN A 1 10 ? 2.554  4.922   -7.074  0.50 43.37 ? 9   ASN A CG  1 
ATOM   92  C  CG  B ASN A 1 10 ? 1.927  4.163   -9.218  0.50 55.84 ? 9   ASN A CG  1 
ATOM   93  O  OD1 A ASN A 1 10 ? 3.556  4.211   -7.149  0.50 47.47 ? 9   ASN A OD1 1 
ATOM   94  O  OD1 B ASN A 1 10 ? 3.135  3.959   -9.358  0.50 54.58 ? 9   ASN A OD1 1 
ATOM   95  N  ND2 A ASN A 1 10 ? 2.479  5.969   -6.262  0.50 38.93 ? 9   ASN A ND2 1 
ATOM   96  N  ND2 B ASN A 1 10 ? 1.053  3.964   -10.191 0.50 63.22 ? 9   ASN A ND2 1 
ATOM   97  N  N   . ALA A 1 11 ? -0.717 5.090   -5.613  1.00 29.43 ? 10  ALA A N   1 
ATOM   98  C  CA  . ALA A 1 11 ? -1.023 5.481   -4.241  1.00 35.79 ? 10  ALA A CA  1 
ATOM   99  C  C   . ALA A 1 11 ? -1.787 4.383   -3.516  1.00 34.90 ? 10  ALA A C   1 
ATOM   100 O  O   . ALA A 1 11 ? -1.567 4.145   -2.324  1.00 41.38 ? 10  ALA A O   1 
ATOM   101 C  CB  . ALA A 1 11 ? -1.818 6.784   -4.228  1.00 40.94 ? 10  ALA A CB  1 
ATOM   102 N  N   . ALA A 1 12 ? -2.699 3.707   -4.220  1.00 42.13 ? 11  ALA A N   1 
ATOM   103 C  CA  . ALA A 1 12 ? -3.457 2.626   -3.604  1.00 38.59 ? 11  ALA A CA  1 
ATOM   104 C  C   . ALA A 1 12 ? -2.558 1.445   -3.261  1.00 35.27 ? 11  ALA A C   1 
ATOM   105 O  O   . ALA A 1 12 ? -2.685 0.857   -2.181  1.00 41.38 ? 11  ALA A O   1 
ATOM   106 C  CB  . ALA A 1 12 ? -4.588 2.185   -4.529  1.00 25.73 ? 11  ALA A CB  1 
ATOM   107 N  N   . LEU A 1 13 ? -1.646 1.080   -4.166  1.00 34.78 ? 12  LEU A N   1 
ATOM   108 C  CA  . LEU A 1 13 ? -0.723 -0.013  -3.881  1.00 40.01 ? 12  LEU A CA  1 
ATOM   109 C  C   . LEU A 1 13 ? 0.189  0.327   -2.709  1.00 30.92 ? 12  LEU A C   1 
ATOM   110 O  O   . LEU A 1 13 ? 0.458  -0.525  -1.856  1.00 34.25 ? 12  LEU A O   1 
ATOM   111 C  CB  . LEU A 1 13 ? 0.102  -0.347  -5.123  1.00 36.42 ? 12  LEU A CB  1 
ATOM   112 C  CG  . LEU A 1 13 ? -0.650 -0.834  -6.362  1.00 34.33 ? 12  LEU A CG  1 
ATOM   113 C  CD1 . LEU A 1 13 ? 0.299  -0.922  -7.546  1.00 56.33 ? 12  LEU A CD1 1 
ATOM   114 C  CD2 . LEU A 1 13 ? -1.351 -2.166  -6.121  1.00 30.88 ? 12  LEU A CD2 1 
ATOM   115 N  N   . LYS A 1 14 ? 0.673  1.573   -2.650  1.00 31.85 ? 13  LYS A N   1 
ATOM   116 C  CA  . LYS A 1 14 ? 1.519  1.990   -1.533  1.00 32.99 ? 13  LYS A CA  1 
ATOM   117 C  C   . LYS A 1 14 ? 0.771  1.901   -0.207  1.00 33.18 ? 13  LYS A C   1 
ATOM   118 O  O   . LYS A 1 14 ? 1.351  1.525   0.819   1.00 35.93 ? 13  LYS A O   1 
ATOM   119 C  CB  . LYS A 1 14 ? 2.034  3.413   -1.762  1.00 41.95 ? 13  LYS A CB  1 
ATOM   120 C  CG  . LYS A 1 14 ? 3.082  3.532   -2.856  1.00 52.31 ? 13  LYS A CG  1 
ATOM   121 C  CD  . LYS A 1 14 ? 3.693  4.927   -2.881  1.00 40.60 ? 13  LYS A CD  1 
ATOM   122 C  CE  . LYS A 1 14 ? 4.833  5.018   -3.887  1.00 57.62 ? 13  LYS A CE  1 
ATOM   123 N  NZ  . LYS A 1 14 ? 5.498  6.351   -3.841  1.00 76.31 ? 13  LYS A NZ  1 
ATOM   124 N  N   . GLU A 1 15 ? -0.519 2.238   -0.207  1.00 35.72 ? 14  GLU A N   1 
ATOM   125 C  CA  . GLU A 1 15 ? -1.292 2.148   1.027   1.00 41.25 ? 14  GLU A CA  1 
ATOM   126 C  C   . GLU A 1 15 ? -1.535 0.698   1.420   1.00 32.31 ? 14  GLU A C   1 
ATOM   127 O  O   . GLU A 1 15 ? -1.544 0.367   2.612   1.00 44.14 ? 14  GLU A O   1 
ATOM   128 C  CB  . GLU A 1 15 ? -2.613 2.903   0.882   1.00 41.17 ? 14  GLU A CB  1 
ATOM   129 C  CG  . GLU A 1 15 ? -2.512 4.362   1.292   1.00 51.08 ? 14  GLU A CG  1 
ATOM   130 C  CD  . GLU A 1 15 ? -2.005 4.524   2.714   1.00 73.45 ? 14  GLU A CD  1 
ATOM   131 O  OE1 . GLU A 1 15 ? -2.481 3.790   3.606   1.00 81.49 ? 14  GLU A OE1 1 
ATOM   132 O  OE2 . GLU A 1 15 ? -1.120 5.377   2.938   1.00 72.73 ? 14  GLU A OE2 1 
ATOM   133 N  N   . GLU A 1 16 ? -1.726 -0.184  0.438   1.00 36.92 ? 15  GLU A N   1 
ATOM   134 C  CA  . GLU A 1 16 ? -1.833 -1.605  0.749   1.00 35.88 ? 15  GLU A CA  1 
ATOM   135 C  C   . GLU A 1 16 ? -0.523 -2.139  1.314   1.00 33.92 ? 15  GLU A C   1 
ATOM   136 O  O   . GLU A 1 16 ? -0.526 -2.942  2.254   1.00 37.67 ? 15  GLU A O   1 
ATOM   137 C  CB  . GLU A 1 16 ? -2.244 -2.391  -0.495  1.00 34.08 ? 15  GLU A CB  1 
ATOM   138 C  CG  . GLU A 1 16 ? -2.358 -3.888  -0.259  1.00 40.09 ? 15  GLU A CG  1 
ATOM   139 C  CD  . GLU A 1 16 ? -2.892 -4.631  -1.464  1.00 49.85 ? 15  GLU A CD  1 
ATOM   140 O  OE1 . GLU A 1 16 ? -3.132 -3.984  -2.504  1.00 52.28 ? 15  GLU A OE1 1 
ATOM   141 O  OE2 . GLU A 1 16 ? -3.073 -5.864  -1.370  1.00 55.37 ? 15  GLU A OE2 1 
ATOM   142 N  N   . ILE A 1 17 ? 0.608  -1.694  0.760   1.00 32.12 ? 16  ILE A N   1 
ATOM   143 C  CA  . ILE A 1 17 ? 1.909  -2.107  1.282   1.00 39.02 ? 16  ILE A CA  1 
ATOM   144 C  C   . ILE A 1 17 ? 2.078  -1.639  2.723   1.00 33.98 ? 16  ILE A C   1 
ATOM   145 O  O   . ILE A 1 17 ? 2.584  -2.378  3.577   1.00 31.42 ? 16  ILE A O   1 
ATOM   146 C  CB  . ILE A 1 17 ? 3.038  -1.577  0.377   1.00 32.18 ? 16  ILE A CB  1 
ATOM   147 C  CG1 . ILE A 1 17 ? 3.007  -2.292  -0.974  1.00 31.18 ? 16  ILE A CG1 1 
ATOM   148 C  CG2 . ILE A 1 17 ? 4.400  -1.734  1.048   1.00 32.18 ? 16  ILE A CG2 1 
ATOM   149 C  CD1 . ILE A 1 17 ? 3.971  -1.726  -1.987  1.00 30.30 ? 16  ILE A CD1 1 
ATOM   150 N  N   . ALA A 1 18 ? 1.646  -0.412  3.018   1.00 30.01 ? 17  ALA A N   1 
ATOM   151 C  CA  . ALA A 1 18 ? 1.748  0.091   4.384   1.00 42.78 ? 17  ALA A CA  1 
ATOM   152 C  C   . ALA A 1 18 ? 0.885  -0.725  5.336   1.00 33.26 ? 17  ALA A C   1 
ATOM   153 O  O   . ALA A 1 18 ? 1.297  -1.013  6.466   1.00 38.05 ? 17  ALA A O   1 
ATOM   154 C  CB  . ALA A 1 18 ? 1.352  1.565   4.438   1.00 27.32 ? 17  ALA A CB  1 
ATOM   155 N  N   . ALA A 1 19 ? -0.313 -1.109  4.895   1.00 32.54 ? 18  ALA A N   1 
ATOM   156 C  CA  . ALA A 1 19 ? -1.196 -1.892  5.752   1.00 36.00 ? 18  ALA A CA  1 
ATOM   157 C  C   . ALA A 1 19 ? -0.660 -3.301  5.957   1.00 39.61 ? 18  ALA A C   1 
ATOM   158 O  O   . ALA A 1 19 ? -0.764 -3.858  7.056   1.00 38.77 ? 18  ALA A O   1 
ATOM   159 C  CB  . ALA A 1 19 ? -2.603 -1.930  5.157   1.00 30.58 ? 18  ALA A CB  1 
ATOM   160 N  N   . LEU A 1 20 ? -0.077 -3.893  4.912   1.00 38.33 ? 19  LEU A N   1 
ATOM   161 C  CA  . LEU A 1 20 ? 0.457  -5.245  5.033   1.00 33.72 ? 19  LEU A CA  1 
ATOM   162 C  C   . LEU A 1 20 ? 1.649  -5.286  5.981   1.00 23.75 ? 19  LEU A C   1 
ATOM   163 O  O   . LEU A 1 20 ? 1.823  -6.257  6.728   1.00 29.99 ? 19  LEU A O   1 
ATOM   164 C  CB  . LEU A 1 20 ? 0.841  -5.783  3.653   1.00 30.52 ? 19  LEU A CB  1 
ATOM   165 C  CG  . LEU A 1 20 ? -0.326 -6.100  2.711   1.00 36.93 ? 19  LEU A CG  1 
ATOM   166 C  CD1 . LEU A 1 20 ? 0.166  -6.264  1.285   1.00 42.25 ? 19  LEU A CD1 1 
ATOM   167 C  CD2 . LEU A 1 20 ? -1.074 -7.348  3.166   1.00 30.81 ? 19  LEU A CD2 1 
ATOM   168 N  N   . LYS A 1 21 ? 2.478  -4.241  5.969   1.00 31.68 ? 20  LYS A N   1 
ATOM   169 C  CA  . LYS A 1 21 ? 3.582  -4.175  6.922   1.00 33.76 ? 20  LYS A CA  1 
ATOM   170 C  C   . LYS A 1 21 ? 3.065  -3.997  8.345   1.00 33.91 ? 20  LYS A C   1 
ATOM   171 O  O   . LYS A 1 21 ? 3.630  -4.560  9.292   1.00 34.49 ? 20  LYS A O   1 
ATOM   172 C  CB  . LYS A 1 21 ? 4.541  -3.047  6.543   1.00 35.99 ? 20  LYS A CB  1 
ATOM   173 C  CG  . LYS A 1 21 ? 5.418  -3.354  5.336   1.00 42.18 ? 20  LYS A CG  1 
ATOM   174 C  CD  . LYS A 1 21 ? 6.331  -2.179  5.003   1.00 47.35 ? 20  LYS A CD  1 
ATOM   175 C  CE  . LYS A 1 21 ? 7.246  -2.492  3.826   1.00 49.47 ? 20  LYS A CE  1 
ATOM   176 N  NZ  . LYS A 1 21 ? 8.067  -1.313  3.425   1.00 51.84 ? 20  LYS A NZ  1 
ATOM   177 N  N   . LYS A 1 22 ? 1.988  -3.226  8.518   1.00 31.90 ? 21  LYS A N   1 
ATOM   178 C  CA  . LYS A 1 22 ? 1.377  -3.111  9.838   1.00 39.89 ? 21  LYS A CA  1 
ATOM   179 C  C   . LYS A 1 22 ? 0.803  -4.446  10.294  1.00 38.27 ? 21  LYS A C   1 
ATOM   180 O  O   . LYS A 1 22 ? 0.864  -4.786  11.482  1.00 39.76 ? 21  LYS A O   1 
ATOM   181 C  CB  . LYS A 1 22 ? 0.293  -2.032  9.832   1.00 43.89 ? 21  LYS A CB  1 
ATOM   182 C  CG  . LYS A 1 22 ? 0.803  -0.631  10.121  1.00 45.71 ? 21  LYS A CG  1 
ATOM   183 C  CD  . LYS A 1 22 ? -0.361 0.324   10.354  1.00 63.18 ? 21  LYS A CD  1 
ATOM   184 C  CE  . LYS A 1 22 ? 0.114  1.699   10.799  1.00 68.38 ? 21  LYS A CE  1 
ATOM   185 N  NZ  . LYS A 1 22 ? -1.028 2.617   11.080  1.00 79.59 ? 21  LYS A NZ  1 
ATOM   186 N  N   . GLU A 1 23 ? 0.251  -5.223  9.361   1.00 31.36 ? 22  GLU A N   1 
ATOM   187 C  CA  . GLU A 1 23 ? -0.241 -6.552  9.710   1.00 37.61 ? 22  GLU A CA  1 
ATOM   188 C  C   . GLU A 1 23 ? 0.906  -7.485  10.094  1.00 34.92 ? 22  GLU A C   1 
ATOM   189 O  O   . GLU A 1 23 ? 0.765  -8.305  11.008  1.00 38.41 ? 22  GLU A O   1 
ATOM   190 C  CB  . GLU A 1 23 ? -1.050 -7.131  8.551   1.00 26.75 ? 22  GLU A CB  1 
ATOM   191 C  CG  . GLU A 1 23 ? -1.767 -8.431  8.873   1.00 44.28 ? 22  GLU A CG  1 
ATOM   192 C  CD  . GLU A 1 23 ? -2.523 -8.988  7.684   1.00 47.97 ? 22  GLU A CD  1 
ATOM   193 O  OE1 . GLU A 1 23 ? -2.506 -10.222 7.494   1.00 47.66 ? 22  GLU A OE1 1 
ATOM   194 O  OE2 . GLU A 1 23 ? -3.128 -8.194  6.934   1.00 51.22 ? 22  GLU A OE2 1 
ATOM   195 N  N   . ILE A 1 24 ? 2.051  -7.375  9.412   1.00 34.05 ? 23  ILE A N   1 
ATOM   196 C  CA  . ILE A 1 24 ? 3.205  -8.199  9.772   1.00 28.93 ? 23  ILE A CA  1 
ATOM   197 C  C   . ILE A 1 24 ? 3.710  -7.826  11.160  1.00 29.69 ? 23  ILE A C   1 
ATOM   198 O  O   . ILE A 1 24 ? 4.064  -8.698  11.963  1.00 31.18 ? 23  ILE A O   1 
ATOM   199 C  CB  . ILE A 1 24 ? 4.317  -8.072  8.712   1.00 44.58 ? 23  ILE A CB  1 
ATOM   200 C  CG1 . ILE A 1 24 ? 3.882  -8.712  7.394   1.00 33.18 ? 23  ILE A CG1 1 
ATOM   201 C  CG2 . ILE A 1 24 ? 5.612  -8.716  9.197   1.00 25.18 ? 23  ILE A CG2 1 
ATOM   202 C  CD1 . ILE A 1 24 ? 4.910  -8.577  6.297   1.00 31.49 ? 23  ILE A CD1 1 
ATOM   203 N  N   . ALA A 1 25 ? 3.745  -6.528  11.468  1.00 32.61 ? 24  ALA A N   1 
ATOM   204 C  CA  . ALA A 1 25 ? 4.213  -6.100  12.784  1.00 28.59 ? 24  ALA A CA  1 
ATOM   205 C  C   . ALA A 1 25 ? 3.306  -6.621  13.892  1.00 39.86 ? 24  ALA A C   1 
ATOM   206 O  O   . ALA A 1 25 ? 3.787  -7.047  14.948  1.00 40.75 ? 24  ALA A O   1 
ATOM   207 C  CB  . ALA A 1 25 ? 4.307  -4.576  12.840  1.00 37.08 ? 24  ALA A CB  1 
ATOM   208 N  N   . ALA A 1 26 ? 1.989  -6.605  13.666  1.00 36.66 ? 25  ALA A N   1 
ATOM   209 C  CA  . ALA A 1 26 ? 1.062  -7.133  14.662  1.00 34.45 ? 25  ALA A CA  1 
ATOM   210 C  C   . ALA A 1 26 ? 1.223  -8.640  14.825  1.00 35.87 ? 25  ALA A C   1 
ATOM   211 O  O   . ALA A 1 26 ? 1.060  -9.169  15.930  1.00 39.66 ? 25  ALA A O   1 
ATOM   212 C  CB  . ALA A 1 26 ? -0.375 -6.783  14.281  1.00 27.45 ? 25  ALA A CB  1 
ATOM   213 N  N   . LEU A 1 27 ? 1.543  -9.346  13.745  1.00 40.32 ? 26  LEU A N   1 
ATOM   214 C  CA  . LEU A 1 27 ? 1.721  -10.793 13.819  1.00 30.79 ? 26  LEU A CA  1 
ATOM   215 C  C   . LEU A 1 27 ? 2.998  -11.150 14.575  1.00 30.48 ? 26  LEU A C   1 
ATOM   216 O  O   . LEU A 1 27 ? 3.064  -12.180 15.243  1.00 37.18 ? 26  LEU A O   1 
ATOM   217 C  CB  . LEU A 1 27 ? 1.754  -11.407 12.417  1.00 31.13 ? 26  LEU A CB  1 
ATOM   218 C  CG  . LEU A 1 27 ? 0.441  -11.468 11.632  1.00 34.05 ? 26  LEU A CG  1 
ATOM   219 C  CD1 . LEU A 1 27 ? 0.675  -12.026 10.237  1.00 40.82 ? 26  LEU A CD1 1 
ATOM   220 C  CD2 . LEU A 1 27 ? -0.572 -12.310 12.385  1.00 32.80 ? 26  LEU A CD2 1 
HETATM 221 C  C   . 7WJ A 1 28 ? 5.449  -10.217 16.519  1.00 48.22 ? 27  7WJ A C   1 
HETATM 222 C  CA  . 7WJ A 1 28 ? 5.346  -10.578 15.070  1.00 43.81 ? 27  7WJ A CA  1 
HETATM 223 C  CB  . 7WJ A 1 28 ? 6.437  -9.823  14.328  1.00 39.05 ? 27  7WJ A CB  1 
HETATM 224 C  CE  . 7WJ A 1 28 ? 8.402  -10.147 11.288  1.00 44.42 ? 27  7WJ A CE  1 
HETATM 225 O  O   . 7WJ A 1 28 ? 6.289  -10.758 17.238  1.00 57.52 ? 27  7WJ A O   1 
HETATM 226 N  N   . 7WJ A 1 28 ? 4.009  -10.293 14.465  1.00 45.61 ? 27  7WJ A N   1 
HETATM 227 O  OE  . 7WJ A 1 28 ? 8.090  -11.215 10.781  1.00 35.30 ? 27  7WJ A OE  1 
HETATM 228 C  CG  . 7WJ A 1 28 ? 6.563  -10.260 12.876  1.00 37.82 ? 27  7WJ A CG  1 
HETATM 229 N  ND  . 7WJ A 1 28 ? 7.724  -9.621  12.298  1.00 41.24 ? 27  7WJ A ND  1 
HETATM 230 C  CQ  . 7WJ A 1 28 ? 9.605  -9.406  10.790  1.00 44.09 ? 27  7WJ A CQ  1 
HETATM 231 C  CR1 . 7WJ A 1 28 ? 10.116 -9.668  9.522   1.00 47.38 ? 27  7WJ A CR1 1 
HETATM 232 C  CR2 . 7WJ A 1 28 ? 10.227 -8.470  11.614  1.00 49.13 ? 27  7WJ A CR2 1 
HETATM 233 C  CS1 . 7WJ A 1 28 ? 11.243 -8.970  9.106   1.00 41.82 ? 27  7WJ A CS1 1 
HETATM 234 C  CS2 . 7WJ A 1 28 ? 11.350 -7.808  11.134  1.00 47.92 ? 27  7WJ A CS2 1 
HETATM 235 C  CT1 . 7WJ A 1 28 ? 11.895 -9.139  7.787   1.00 40.61 ? 27  7WJ A CT1 1 
HETATM 236 C  CT3 . 7WJ A 1 28 ? 12.109 -6.785  11.891  1.00 53.66 ? 27  7WJ A CT3 1 
HETATM 237 C  CU2 . 7WJ A 1 28 ? 11.422 -10.028 6.830   1.00 37.05 ? 27  7WJ A CU2 1 
HETATM 238 C  CU4 . 7WJ A 1 28 ? 11.746 -6.397  13.175  1.00 59.36 ? 27  7WJ A CU4 1 
HETATM 239 C  CV1 . 7WJ A 1 28 ? 13.641 -8.457  6.387   1.00 53.15 ? 27  7WJ A CV1 1 
HETATM 240 C  CV2 . 7WJ A 1 28 ? 12.092 -10.129 5.617   1.00 48.00 ? 27  7WJ A CV2 1 
HETATM 241 C  CV3 . 7WJ A 1 28 ? 13.923 -5.309  11.878  1.00 55.44 ? 27  7WJ A CV3 1 
HETATM 242 C  CV4 . 7WJ A 1 28 ? 12.509 -5.433  13.821  1.00 61.39 ? 27  7WJ A CV4 1 
HETATM 243 C  CW1 . 7WJ A 1 28 ? 13.209 -9.334  5.397   1.00 52.29 ? 27  7WJ A CW1 1 
HETATM 244 C  CW2 . 7WJ A 1 28 ? 13.605 -4.886  13.166  1.00 47.32 ? 27  7WJ A CW2 1 
HETATM 245 N  NT2 . 7WJ A 1 28 ? 11.820 -8.069  9.910   1.00 50.10 ? 27  7WJ A NT2 1 
HETATM 246 N  NU1 . 7WJ A 1 28 ? 12.985 -8.374  7.552   1.00 47.49 ? 27  7WJ A NU1 1 
HETATM 247 N  NU3 . 7WJ A 1 28 ? 13.182 -6.241  11.269  1.00 61.68 ? 27  7WJ A NU3 1 
ATOM   248 N  N   . LYS A 1 29 ? 4.601  -9.295  16.961  1.00 48.58 ? 28  LYS A N   1 
ATOM   249 C  CA  . LYS A 1 29 ? 4.675  -8.774  18.322  1.00 47.66 ? 28  LYS A CA  1 
ATOM   250 C  C   . LYS A 1 29 ? 4.320  -9.836  19.360  1.00 66.13 ? 28  LYS A C   1 
ATOM   251 O  O   . LYS A 1 29 ? 5.119  -10.136 20.249  1.00 65.45 ? 28  LYS A O   1 
ATOM   252 C  CB  . LYS A 1 29 ? 3.756  -7.560  18.471  1.00 60.55 ? 28  LYS A CB  1 
ATOM   253 C  CG  . LYS A 1 29 ? 3.988  -6.747  19.736  1.00 63.91 ? 28  LYS A CG  1 
ATOM   254 C  CD  . LYS A 1 29 ? 3.658  -5.280  19.503  1.00 83.48 ? 28  LYS A CD  1 
ATOM   255 C  CE  . LYS A 1 29 ? 3.804  -4.461  20.773  1.00 80.31 ? 28  LYS A CE  1 
ATOM   256 N  NZ  . LYS A 1 29 ? 2.769  -4.827  21.778  1.00 86.77 ? 28  LYS A NZ  1 
ATOM   257 N  N   . GLY A 1 30 ? 3.122  -10.402 19.241  1.00 65.50 ? 29  GLY A N   1 
HETATM 258 CU CU  . CU  B 2 .  ? -5.619 11.163  -0.719  1.00 55.15 ? 101 CU  A CU  1 
HETATM 259 CU CU  . CU  C 2 .  ? 13.431 -7.102  9.275   1.00 61.46 ? 102 CU  A CU  1 
HETATM 260 C  C1  . CIT D 3 .  ? -6.842 12.168  4.853   1.00 66.79 ? 103 CIT A C1  1 
HETATM 261 O  O1  . CIT D 3 .  ? -7.558 11.167  4.640   1.00 68.87 ? 103 CIT A O1  1 
HETATM 262 O  O2  . CIT D 3 .  ? -6.662 12.544  6.031   1.00 78.15 ? 103 CIT A O2  1 
HETATM 263 C  C2  . CIT D 3 .  ? -6.184 12.911  3.715   1.00 70.34 ? 103 CIT A C2  1 
HETATM 264 C  C3  . CIT D 3 .  ? -7.108 13.894  2.991   1.00 65.85 ? 103 CIT A C3  1 
HETATM 265 O  O7  . CIT D 3 .  ? -6.282 14.876  2.316   1.00 63.71 ? 103 CIT A O7  1 
HETATM 266 C  C4  . CIT D 3 .  ? -7.970 13.184  1.953   1.00 59.94 ? 103 CIT A C4  1 
HETATM 267 C  C5  . CIT D 3 .  ? -7.156 12.823  0.734   1.00 47.13 ? 103 CIT A C5  1 
HETATM 268 O  O3  . CIT D 3 .  ? -6.311 11.907  0.784   1.00 47.56 ? 103 CIT A O3  1 
HETATM 269 O  O4  . CIT D 3 .  ? -7.323 13.427  -0.347  1.00 50.34 ? 103 CIT A O4  1 
HETATM 270 C  C6  . CIT D 3 .  ? -8.038 14.631  3.947   1.00 61.12 ? 103 CIT A C6  1 
HETATM 271 O  O5  . CIT D 3 .  ? -8.988 14.057  4.528   1.00 73.22 ? 103 CIT A O5  1 
HETATM 272 O  O6  . CIT D 3 .  ? -7.854 15.845  4.165   1.00 74.56 ? 103 CIT A O6  1 
HETATM 273 C  C1  . CIT E 3 .  ? 16.167 -7.468  9.396   1.00 68.35 ? 104 CIT A C1  1 
HETATM 274 O  O1  . CIT E 3 .  ? 15.921 -8.642  9.736   1.00 58.92 ? 104 CIT A O1  1 
HETATM 275 O  O2  . CIT E 3 .  ? 15.217 -6.737  9.051   1.00 80.41 ? 104 CIT A O2  1 
HETATM 276 C  C2  . CIT E 3 .  ? 17.582 -6.939  9.400   1.00 79.04 ? 104 CIT A C2  1 
HETATM 277 C  C3  . CIT E 3 .  ? 18.018 -6.657  7.968   1.00 87.03 ? 104 CIT A C3  1 
HETATM 278 O  O7  . CIT E 3 .  ? 16.859 -6.698  7.098   1.00 87.78 ? 104 CIT A O7  1 
HETATM 279 C  C4  . CIT E 3 .  ? 18.659 -5.280  7.861   1.00 97.11 ? 104 CIT A C4  1 
HETATM 280 C  C5  . CIT E 3 .  ? 17.586 -4.263  7.545   1.00 94.34 ? 104 CIT A C5  1 
HETATM 281 O  O3  . CIT E 3 .  ? 17.532 -3.738  6.412   1.00 89.32 ? 104 CIT A O3  1 
HETATM 282 O  O4  . CIT E 3 .  ? 16.737 -3.935  8.405   1.00 87.53 ? 104 CIT A O4  1 
HETATM 283 C  C6  . CIT E 3 .  ? 19.007 -7.729  7.538   1.00 94.18 ? 104 CIT A C6  1 
HETATM 284 O  O5  . CIT E 3 .  ? 18.954 -8.874  8.034   1.00 87.34 ? 104 CIT A O5  1 
HETATM 285 O  O6  . CIT E 3 .  ? 19.882 -7.476  6.682   1.00 95.43 ? 104 CIT A O6  1 
HETATM 286 O  O   . HOH F 4 .  ? 1.533  8.109   -6.775  1.00 53.85 ? 201 HOH A O   1 
HETATM 287 O  O   . HOH F 4 .  ? -2.391 1.948   5.155   1.00 45.00 ? 202 HOH A O   1 
HETATM 288 O  O   . HOH F 4 .  ? -2.645 2.385   -18.367 1.00 54.74 ? 203 HOH A O   1 
HETATM 289 O  O   . HOH F 4 .  ? 3.747  2.108   1.295   1.00 36.36 ? 204 HOH A O   1 
HETATM 290 O  O   . HOH F 4 .  ? 14.556 -2.818  9.035   1.00 70.27 ? 205 HOH A O   1 
HETATM 291 O  O   . HOH F 4 .  ? -5.031 0.499   -1.074  1.00 39.88 ? 206 HOH A O   1 
HETATM 292 O  O   . HOH F 4 .  ? -2.785 -3.311  8.702   1.00 32.09 ? 207 HOH A O   1 
HETATM 293 O  O   . HOH F 4 .  ? -5.765 5.936   -5.361  1.00 33.24 ? 208 HOH A O   1 
HETATM 294 O  O   . HOH F 4 .  ? -8.115 9.171   -6.820  1.00 36.15 ? 209 HOH A O   1 
HETATM 295 O  O   . HOH F 4 .  ? 3.278  0.476   7.686   1.00 46.25 ? 210 HOH A O   1 
HETATM 296 O  O   . HOH F 4 .  ? 1.138  -3.131  13.747  1.00 41.35 ? 211 HOH A O   1 
HETATM 297 O  O   . HOH F 4 .  ? -0.087 -7.740  18.102  1.00 36.62 ? 212 HOH A O   1 
HETATM 298 O  O   . HOH F 4 .  ? -6.505 4.481   -10.678 1.00 40.04 ? 213 HOH A O   1 
HETATM 299 O  O   . HOH F 4 .  ? -3.738 -10.598 4.945   1.00 41.62 ? 214 HOH A O   1 
HETATM 300 O  O   . HOH F 4 .  ? 12.402 -4.421  9.180   1.00 53.04 ? 215 HOH A O   1 
HETATM 301 O  O   . HOH F 4 .  ? 6.504  -4.731  9.133   1.00 39.73 ? 216 HOH A O   1 
HETATM 302 O  O   . HOH F 4 .  ? -4.732 -6.517  8.924   1.00 47.93 ? 217 HOH A O   1 
HETATM 303 O  O   . HOH F 4 .  ? -3.462 -5.922  -4.921  1.00 45.09 ? 218 HOH A O   1 
HETATM 304 O  O   . HOH F 4 .  ? 5.744  0.851   3.459   1.00 50.46 ? 219 HOH A O   1 
HETATM 305 O  O   . HOH F 4 .  ? -4.476 -6.400  1.472   1.00 46.26 ? 220 HOH A O   1 
HETATM 306 O  O   . HOH F 4 .  ? -2.935 12.399  -16.972 1.00 44.77 ? 221 HOH A O   1 
HETATM 307 O  O   . HOH F 4 .  ? -2.406 -4.259  11.004  1.00 45.12 ? 222 HOH A O   1 
HETATM 308 O  O   . HOH F 4 .  ? -2.208 -9.037  12.531  1.00 45.23 ? 223 HOH A O   1 
HETATM 309 O  O   . HOH F 4 .  ? -3.085 -1.677  -14.828 1.00 60.05 ? 224 HOH A O   1 
HETATM 310 O  O   . HOH F 4 .  ? -0.926 9.939   -2.753  1.00 50.71 ? 225 HOH A O   1 
HETATM 311 O  O   . HOH F 4 .  ? -2.933 -10.169 14.913  1.00 39.13 ? 226 HOH A O   1 
HETATM 312 O  O   . HOH F 4 .  ? -3.459 -6.356  11.448  1.00 32.18 ? 227 HOH A O   1 
# 
